data_7LD4
#
_entry.id   7LD4
#
_cell.length_a   1.00
_cell.length_b   1.00
_cell.length_c   1.00
_cell.angle_alpha   90.00
_cell.angle_beta   90.00
_cell.angle_gamma   90.00
#
_symmetry.space_group_name_H-M   'P 1'
#
loop_
_entity.id
_entity.type
_entity.pdbx_description
1 polymer 'Guanine nucleotide-binding protein G(i) subunit alpha-2'
2 polymer 'Guanine nucleotide-binding protein G(I)/G(S)/G(T) subunit beta-1'
3 polymer 'Guanine nucleotide-binding protein G(I)/G(S)/G(O) subunit gamma-2'
4 polymer 'Chimera protein of Muscarinic acetylcholine receptor M4 and Adenosine receptor A1'
5 non-polymer ADENOSINE
6 water water
#
loop_
_entity_poly.entity_id
_entity_poly.type
_entity_poly.pdbx_seq_one_letter_code
_entity_poly.pdbx_strand_id
1 'polypeptide(L)'
;MGCTVSAEDKAAAERSKMIDKNLREDGEKAAREVKLLLLGAGESGKNTIVKQMKIIHEDGYSEEECRQYRAVVYSNTIQS
IMAIVKAMGNLQIDFADPSRADDARQLFALSCTAEEQGVLPDDLSGVIRRLWADHGVQACFGRSREYQLNDSAAYYLNDL
ERIAQSDYIPTQQDVLRTRVKTTGIVETHFTFKDLHFKMFDVGAQRSERKKWIHCFEGVTAIIFCVALSAYDLVLAEDEE
MNRMHASMKLFDSICNNKWFTDTSIILFLNKKDLFEEKITHSPLTICFPEYTGANKYDEAASYIQSKFEDLNKRKDTKEI
YTHFTCSTDTKNVQFVFDAVTDVIIKNNLKDCGLF
;
A
2 'polypeptide(L)'
;MHHHHHHGSSGSELDQLRQEAEQLKNQIRDARKACADATLSQITNNIDPVGRIQMRTRRTLRGHLAKIYAMHWGTDSRLL
VSASQDGKLIIWDSYTTNKVHAIPLRSSWVMTCAYAPSGNYVACGGLDNICSIYNLKTREGNVRVSRELAGHTGYLSCCR
FLDDNQIVTSSGDTTCALWDIETGQQTTTFTGHTGDVMSLSLAPDTRLFVSGACDASAKLWDVREGMCRQTFTGHESDIN
AICFFPNGNAFATGSDDATCRLFDLRADQELMTYSHDNIICGITSVSFSKSGRLLLAGYDDFNCNVWDALKADRAGVLAG
HDNRVSCLGVTDDGMAVATGSWDSFLKIWN
;
B
3 'polypeptide(L)' MASNNTASIAQARKLVEQLKMEANIDRIKVSKAAADLMAYCEAHAKEDPLLTPVPASENPFREKKFFCAIL G
4 'polypeptide(L)'
;MKTIIALSYIFCLVFADYKDDDDAMGANFTPVNGSSGNQSVRLVTSSSLEVLFQGPPPSISAFQAAYIGIEVLIALVSVP
GNVLVIWAVKVNQALRDATFCFIVSLAVADVAVGALVIPLAILINIGPQTYFHTCLMVACPVLILTQSSILALLAIAVDR
YLRVKIPLRYKMVVTPRRAAVAIAGCWILSFVVGLTPMFGWNNLSAVERAWAANGSMGEPVIKCEFEKVISMEYMVYFNF
FVWVLPPLLLMVLIYLEVFYLIRKQLNKKVSASSGDPQKYYGKELKIAKSLALILFLFALSWLPLHILNCITLFCPSCHK
PSILTYIAIFLTHGNSAMNPIVYAFRIQKFRVTFLKIWNDHFRCQPAPPIDEDLPEERPDDHHHHHH
;
R
#
# COMPACT_ATOMS: atom_id res chain seq x y z
N ALA A 11 -24.66 19.61 13.27
CA ALA A 11 -23.35 20.14 12.94
C ALA A 11 -22.82 19.47 11.69
N ALA A 12 -21.74 20.04 11.14
CA ALA A 12 -21.09 19.42 10.01
C ALA A 12 -20.05 18.40 10.43
N ALA A 13 -19.37 18.62 11.55
CA ALA A 13 -18.44 17.63 12.07
C ALA A 13 -19.17 16.43 12.67
N GLU A 14 -20.42 16.61 13.09
CA GLU A 14 -21.23 15.48 13.50
C GLU A 14 -21.56 14.59 12.31
N ARG A 15 -21.84 15.21 11.16
CA ARG A 15 -22.05 14.46 9.93
C ARG A 15 -20.77 13.75 9.50
N SER A 16 -19.63 14.41 9.69
CA SER A 16 -18.33 13.81 9.40
C SER A 16 -18.06 12.61 10.29
N LYS A 17 -18.44 12.70 11.56
CA LYS A 17 -18.15 11.62 12.50
C LYS A 17 -19.13 10.46 12.37
N MET A 18 -20.38 10.73 12.01
CA MET A 18 -21.35 9.66 11.77
C MET A 18 -20.98 8.87 10.51
N ILE A 19 -20.55 9.55 9.46
CA ILE A 19 -20.14 8.88 8.22
C ILE A 19 -18.87 8.09 8.44
N ASP A 20 -17.96 8.61 9.25
CA ASP A 20 -16.72 7.89 9.56
C ASP A 20 -16.98 6.64 10.38
N LYS A 21 -18.02 6.64 11.22
CA LYS A 21 -18.37 5.43 11.95
C LYS A 21 -18.87 4.34 11.02
N ASN A 22 -19.71 4.70 10.05
CA ASN A 22 -20.18 3.73 9.05
C ASN A 22 -19.05 3.23 8.16
N LEU A 23 -18.03 4.05 7.93
CA LEU A 23 -16.88 3.61 7.14
C LEU A 23 -16.09 2.53 7.86
N ARG A 24 -15.82 2.75 9.15
CA ARG A 24 -15.08 1.76 9.93
C ARG A 24 -15.90 0.49 10.14
N GLU A 25 -17.22 0.63 10.30
CA GLU A 25 -18.08 -0.53 10.44
C GLU A 25 -18.10 -1.38 9.17
N ASP A 26 -18.37 -0.75 8.02
CA ASP A 26 -18.41 -1.49 6.76
C ASP A 26 -17.02 -1.88 6.29
N GLY A 27 -15.99 -1.17 6.71
CA GLY A 27 -14.65 -1.49 6.26
C GLY A 27 -14.03 -2.70 6.94
N GLU A 28 -14.50 -3.06 8.11
CA GLU A 28 -14.09 -4.31 8.73
C GLU A 28 -15.00 -5.47 8.39
N LYS A 29 -16.26 -5.20 8.05
CA LYS A 29 -17.16 -6.26 7.61
C LYS A 29 -16.74 -6.82 6.26
N ALA A 30 -16.14 -5.99 5.41
CA ALA A 30 -15.64 -6.43 4.11
C ALA A 30 -14.16 -6.76 4.14
N ALA A 31 -13.53 -6.76 5.31
CA ALA A 31 -12.13 -7.13 5.43
C ALA A 31 -11.94 -8.53 5.99
N ARG A 32 -13.03 -9.19 6.39
CA ARG A 32 -12.99 -10.58 6.81
C ARG A 32 -13.43 -11.55 5.71
N GLU A 33 -13.42 -11.10 4.46
CA GLU A 33 -13.83 -11.90 3.33
C GLU A 33 -12.63 -12.19 2.43
N VAL A 34 -12.44 -13.45 2.10
CA VAL A 34 -11.33 -13.89 1.25
C VAL A 34 -11.68 -13.55 -0.20
N LYS A 35 -10.81 -12.79 -0.86
CA LYS A 35 -10.99 -12.41 -2.25
C LYS A 35 -10.07 -13.25 -3.13
N LEU A 36 -10.65 -13.93 -4.13
CA LEU A 36 -9.94 -14.90 -4.95
C LEU A 36 -10.06 -14.52 -6.43
N LEU A 37 -8.99 -14.01 -7.01
CA LEU A 37 -8.97 -13.78 -8.45
C LEU A 37 -9.02 -15.11 -9.19
N LEU A 38 -9.90 -15.24 -10.17
CA LEU A 38 -9.99 -16.46 -10.96
C LEU A 38 -9.48 -16.15 -12.37
N LEU A 39 -8.42 -16.84 -12.76
CA LEU A 39 -7.79 -16.67 -14.06
C LEU A 39 -7.77 -17.99 -14.78
N GLY A 40 -8.06 -17.96 -16.07
CA GLY A 40 -7.97 -19.18 -16.84
C GLY A 40 -7.77 -18.79 -18.28
N ALA A 41 -7.48 -19.79 -19.09
CA ALA A 41 -7.42 -19.54 -20.52
C ALA A 41 -8.81 -19.66 -21.09
N GLY A 42 -8.96 -19.22 -22.35
CA GLY A 42 -10.21 -19.41 -23.05
C GLY A 42 -10.42 -20.90 -23.27
N GLU A 43 -11.66 -21.36 -23.00
CA GLU A 43 -12.10 -22.76 -23.18
C GLU A 43 -11.28 -23.71 -22.29
N SER A 44 -10.76 -23.22 -21.16
CA SER A 44 -9.93 -24.04 -20.29
C SER A 44 -10.67 -24.73 -19.16
N GLY A 45 -12.00 -24.68 -19.12
CA GLY A 45 -12.70 -25.36 -18.05
C GLY A 45 -12.98 -24.54 -16.82
N LYS A 46 -12.89 -23.20 -16.91
CA LYS A 46 -13.23 -22.33 -15.78
C LYS A 46 -14.68 -22.49 -15.34
N ASN A 47 -15.60 -22.72 -16.28
CA ASN A 47 -17.02 -22.74 -15.98
C ASN A 47 -17.43 -23.82 -14.97
N THR A 48 -16.88 -25.04 -15.10
CA THR A 48 -17.27 -26.14 -14.22
C THR A 48 -16.94 -25.85 -12.75
N ILE A 49 -15.84 -25.15 -12.49
CA ILE A 49 -15.47 -24.80 -11.13
C ILE A 49 -16.50 -23.85 -10.53
N VAL A 50 -16.95 -22.86 -11.31
CA VAL A 50 -17.88 -21.86 -10.83
C VAL A 50 -19.29 -22.46 -10.64
N LYS A 51 -19.64 -23.49 -11.42
CA LYS A 51 -20.92 -24.17 -11.22
C LYS A 51 -21.00 -24.85 -9.86
N GLN A 52 -19.90 -25.45 -9.42
CA GLN A 52 -19.87 -26.11 -8.12
C GLN A 52 -20.04 -25.12 -6.97
N MET A 53 -19.48 -23.93 -7.09
CA MET A 53 -19.42 -22.99 -5.99
C MET A 53 -20.39 -21.84 -6.25
N LYS A 54 -21.40 -21.71 -5.39
CA LYS A 54 -22.49 -20.72 -5.48
C LYS A 54 -23.18 -20.62 -4.13
N GLY A 184 -18.81 -7.20 -17.74
CA GLY A 184 -17.40 -7.07 -17.45
C GLY A 184 -16.93 -8.08 -16.43
N ILE A 185 -16.33 -7.60 -15.34
CA ILE A 185 -15.90 -8.49 -14.27
C ILE A 185 -17.13 -9.10 -13.58
N VAL A 186 -17.04 -10.39 -13.26
CA VAL A 186 -18.13 -11.13 -12.66
C VAL A 186 -17.72 -11.53 -11.24
N GLU A 187 -18.57 -11.23 -10.26
CA GLU A 187 -18.28 -11.53 -8.87
C GLU A 187 -19.19 -12.66 -8.38
N THR A 188 -18.59 -13.71 -7.85
CA THR A 188 -19.30 -14.85 -7.27
C THR A 188 -19.04 -14.92 -5.78
N HIS A 189 -20.11 -14.95 -4.99
CA HIS A 189 -20.01 -14.95 -3.53
C HIS A 189 -20.55 -16.27 -3.00
N PHE A 190 -19.74 -16.99 -2.24
CA PHE A 190 -20.19 -18.20 -1.56
C PHE A 190 -19.55 -18.24 -0.18
N THR A 191 -20.22 -18.89 0.76
CA THR A 191 -19.71 -19.06 2.12
C THR A 191 -19.53 -20.54 2.42
N PHE A 192 -18.31 -20.92 2.79
CA PHE A 192 -18.00 -22.30 3.13
C PHE A 192 -17.26 -22.33 4.45
N LYS A 193 -17.82 -23.06 5.43
CA LYS A 193 -17.25 -23.28 6.77
C LYS A 193 -16.90 -21.96 7.46
N ASP A 194 -17.85 -21.02 7.43
CA ASP A 194 -17.76 -19.68 8.02
C ASP A 194 -16.67 -18.80 7.41
N LEU A 195 -16.34 -19.04 6.15
CA LEU A 195 -15.43 -18.17 5.40
C LEU A 195 -16.17 -17.68 4.17
N HIS A 196 -16.29 -16.37 4.03
CA HIS A 196 -16.94 -15.80 2.87
C HIS A 196 -15.89 -15.62 1.78
N PHE A 197 -16.15 -16.18 0.61
CA PHE A 197 -15.23 -16.11 -0.51
C PHE A 197 -15.85 -15.27 -1.61
N LYS A 198 -15.10 -14.28 -2.07
CA LYS A 198 -15.47 -13.49 -3.24
C LYS A 198 -14.55 -13.92 -4.37
N MET A 199 -15.13 -14.48 -5.42
CA MET A 199 -14.35 -14.98 -6.53
C MET A 199 -14.66 -14.16 -7.77
N PHE A 200 -13.65 -13.51 -8.34
CA PHE A 200 -13.85 -12.60 -9.46
C PHE A 200 -13.35 -13.25 -10.73
N ASP A 201 -14.28 -13.56 -11.62
CA ASP A 201 -13.96 -14.11 -12.94
C ASP A 201 -13.79 -12.92 -13.88
N VAL A 202 -12.55 -12.61 -14.24
CA VAL A 202 -12.27 -11.43 -15.04
C VAL A 202 -11.89 -11.81 -16.47
N GLY A 203 -12.12 -13.07 -16.85
CA GLY A 203 -11.83 -13.53 -18.21
C GLY A 203 -12.66 -12.85 -19.29
N ALA A 204 -13.80 -12.26 -18.92
CA ALA A 204 -14.66 -11.56 -19.86
C ALA A 204 -13.95 -10.38 -20.52
N GLN A 205 -13.08 -9.70 -19.77
CA GLN A 205 -12.34 -8.55 -20.29
C GLN A 205 -11.45 -8.95 -21.46
N ARG A 206 -11.64 -8.30 -22.59
CA ARG A 206 -10.82 -8.53 -23.77
C ARG A 206 -9.72 -7.50 -23.87
N SER A 207 -9.70 -6.54 -22.96
CA SER A 207 -8.70 -5.49 -22.89
C SER A 207 -7.38 -6.05 -22.42
N GLU A 208 -6.32 -5.27 -22.63
CA GLU A 208 -4.98 -5.68 -22.24
C GLU A 208 -4.89 -5.86 -20.73
N ARG A 209 -4.26 -6.96 -20.32
CA ARG A 209 -4.18 -7.31 -18.89
C ARG A 209 -3.35 -6.33 -18.09
N LYS A 210 -2.29 -5.77 -18.69
CA LYS A 210 -1.33 -4.92 -18.00
C LYS A 210 -1.95 -3.62 -17.48
N LYS A 211 -3.16 -3.27 -17.90
CA LYS A 211 -3.78 -2.03 -17.49
C LYS A 211 -4.75 -2.18 -16.32
N TRP A 212 -5.20 -3.39 -16.00
CA TRP A 212 -6.13 -3.55 -14.89
C TRP A 212 -5.72 -4.66 -13.92
N ILE A 213 -4.54 -5.27 -14.09
CA ILE A 213 -4.16 -6.35 -13.19
C ILE A 213 -3.64 -5.85 -11.85
N HIS A 214 -3.34 -4.55 -11.74
CA HIS A 214 -2.88 -4.01 -10.47
C HIS A 214 -4.04 -3.70 -9.54
N CYS A 215 -5.28 -3.81 -10.01
CA CYS A 215 -6.43 -3.67 -9.14
C CYS A 215 -6.58 -4.85 -8.20
N PHE A 216 -6.07 -6.01 -8.60
CA PHE A 216 -6.16 -7.24 -7.81
C PHE A 216 -4.86 -7.55 -7.11
N GLU A 217 -4.13 -6.55 -6.62
CA GLU A 217 -2.87 -6.83 -5.95
C GLU A 217 -3.11 -7.44 -4.57
N GLY A 218 -4.25 -7.16 -3.96
CA GLY A 218 -4.55 -7.61 -2.62
C GLY A 218 -5.35 -8.88 -2.50
N VAL A 219 -5.54 -9.63 -3.59
CA VAL A 219 -6.31 -10.87 -3.54
C VAL A 219 -5.54 -11.91 -2.72
N THR A 220 -6.29 -12.69 -1.93
CA THR A 220 -5.69 -13.70 -1.08
C THR A 220 -4.99 -14.79 -1.88
N ALA A 221 -5.63 -15.29 -2.93
CA ALA A 221 -5.02 -16.30 -3.77
C ALA A 221 -5.55 -16.17 -5.19
N ILE A 222 -4.90 -16.85 -6.12
CA ILE A 222 -5.26 -16.87 -7.52
C ILE A 222 -5.65 -18.30 -7.87
N ILE A 223 -6.84 -18.50 -8.39
CA ILE A 223 -7.29 -19.80 -8.84
C ILE A 223 -7.06 -19.89 -10.35
N PHE A 224 -6.21 -20.81 -10.78
CA PHE A 224 -5.88 -20.98 -12.19
C PHE A 224 -6.42 -22.33 -12.64
N CYS A 225 -7.23 -22.32 -13.70
CA CYS A 225 -7.86 -23.53 -14.23
C CYS A 225 -7.22 -23.90 -15.55
N VAL A 226 -6.74 -25.14 -15.65
CA VAL A 226 -6.11 -25.66 -16.86
C VAL A 226 -6.88 -26.90 -17.29
N ALA A 227 -7.22 -26.99 -18.57
CA ALA A 227 -7.86 -28.19 -19.10
C ALA A 227 -6.79 -29.16 -19.55
N LEU A 228 -6.72 -30.33 -18.89
CA LEU A 228 -5.77 -31.37 -19.28
C LEU A 228 -6.07 -31.93 -20.65
N SER A 229 -7.35 -32.06 -20.99
CA SER A 229 -7.76 -32.62 -22.28
C SER A 229 -7.29 -31.78 -23.46
N ALA A 230 -7.00 -30.50 -23.24
CA ALA A 230 -6.60 -29.58 -24.29
C ALA A 230 -5.10 -29.56 -24.54
N TYR A 231 -4.40 -30.68 -24.36
CA TYR A 231 -2.97 -30.67 -24.63
C TYR A 231 -2.66 -30.89 -26.10
N ASP A 232 -3.63 -31.32 -26.90
CA ASP A 232 -3.47 -31.46 -28.33
C ASP A 232 -4.30 -30.47 -29.13
N LEU A 233 -5.32 -29.89 -28.53
CA LEU A 233 -6.20 -28.99 -29.25
C LEU A 233 -5.51 -27.65 -29.48
N VAL A 234 -6.07 -26.86 -30.38
CA VAL A 234 -5.56 -25.52 -30.66
C VAL A 234 -6.64 -24.47 -30.45
N MET A 241 1.79 -22.85 -30.33
CA MET A 241 0.45 -22.71 -30.90
C MET A 241 -0.51 -23.72 -30.27
N ASN A 242 0.05 -24.66 -29.52
CA ASN A 242 -0.76 -25.64 -28.80
C ASN A 242 -1.51 -24.95 -27.67
N ARG A 243 -2.64 -25.53 -27.28
CA ARG A 243 -3.46 -24.91 -26.24
C ARG A 243 -2.78 -25.02 -24.88
N MET A 244 -2.16 -26.17 -24.60
CA MET A 244 -1.43 -26.33 -23.35
C MET A 244 -0.17 -25.48 -23.31
N HIS A 245 0.46 -25.26 -24.46
CA HIS A 245 1.60 -24.36 -24.49
C HIS A 245 1.16 -22.91 -24.33
N ALA A 246 -0.02 -22.55 -24.82
CA ALA A 246 -0.52 -21.19 -24.60
C ALA A 246 -0.87 -20.95 -23.14
N SER A 247 -1.38 -21.98 -22.45
CA SER A 247 -1.71 -21.83 -21.04
C SER A 247 -0.47 -21.74 -20.17
N MET A 248 0.62 -22.42 -20.56
CA MET A 248 1.85 -22.34 -19.79
C MET A 248 2.49 -20.97 -19.88
N LYS A 249 2.40 -20.30 -21.03
CA LYS A 249 2.91 -18.93 -21.13
C LYS A 249 2.02 -17.94 -20.40
N LEU A 250 0.71 -18.18 -20.37
CA LEU A 250 -0.17 -17.34 -19.56
C LEU A 250 0.16 -17.49 -18.09
N PHE A 251 0.39 -18.73 -17.64
CA PHE A 251 0.73 -18.99 -16.24
C PHE A 251 2.05 -18.34 -15.86
N ASP A 252 3.01 -18.32 -16.77
CA ASP A 252 4.32 -17.77 -16.49
C ASP A 252 4.30 -16.25 -16.43
N SER A 253 3.24 -15.61 -16.92
CA SER A 253 3.11 -14.17 -16.79
C SER A 253 2.52 -13.76 -15.46
N ILE A 254 1.46 -14.44 -15.00
CA ILE A 254 0.87 -14.10 -13.72
C ILE A 254 1.78 -14.50 -12.55
N CYS A 255 2.47 -15.64 -12.66
CA CYS A 255 3.31 -16.09 -11.55
C CYS A 255 4.52 -15.19 -11.37
N ASN A 256 5.18 -14.81 -12.46
CA ASN A 256 6.32 -13.91 -12.39
C ASN A 256 5.89 -12.48 -12.73
N ASN A 257 4.87 -12.01 -12.04
CA ASN A 257 4.42 -10.63 -12.19
C ASN A 257 5.04 -9.77 -11.10
N LYS A 258 4.99 -8.45 -11.31
CA LYS A 258 5.50 -7.56 -10.29
C LYS A 258 4.54 -7.42 -9.11
N TRP A 259 3.25 -7.65 -9.34
CA TRP A 259 2.24 -7.48 -8.30
C TRP A 259 1.96 -8.75 -7.54
N PHE A 260 2.23 -9.91 -8.14
CA PHE A 260 1.86 -11.20 -7.61
C PHE A 260 3.05 -11.97 -7.05
N THR A 261 4.12 -11.27 -6.67
CA THR A 261 5.30 -11.92 -6.10
C THR A 261 4.97 -12.68 -4.82
N ASP A 262 4.13 -12.11 -3.96
CA ASP A 262 3.81 -12.70 -2.68
C ASP A 262 2.44 -13.38 -2.62
N THR A 263 1.72 -13.50 -3.75
CA THR A 263 0.38 -14.05 -3.74
C THR A 263 0.43 -15.49 -4.23
N SER A 264 -0.02 -16.43 -3.40
CA SER A 264 0.00 -17.84 -3.76
C SER A 264 -0.98 -18.14 -4.88
N ILE A 265 -0.70 -19.22 -5.62
CA ILE A 265 -1.49 -19.62 -6.77
C ILE A 265 -2.13 -20.97 -6.48
N ILE A 266 -3.44 -21.05 -6.58
CA ILE A 266 -4.15 -22.31 -6.54
C ILE A 266 -4.31 -22.80 -7.97
N LEU A 267 -3.75 -23.96 -8.27
CA LEU A 267 -3.74 -24.49 -9.62
C LEU A 267 -4.73 -25.63 -9.72
N PHE A 268 -5.65 -25.54 -10.67
CA PHE A 268 -6.64 -26.59 -10.89
C PHE A 268 -6.40 -27.18 -12.26
N LEU A 269 -6.25 -28.49 -12.32
CA LEU A 269 -6.13 -29.20 -13.58
C LEU A 269 -7.46 -29.90 -13.81
N ASN A 270 -8.05 -29.69 -14.99
CA ASN A 270 -9.43 -30.12 -15.20
C ASN A 270 -9.51 -31.23 -16.23
N LYS A 271 -10.67 -31.91 -16.20
CA LYS A 271 -11.02 -33.00 -17.10
C LYS A 271 -10.03 -34.15 -17.04
N LYS A 272 -9.72 -34.60 -15.82
CA LYS A 272 -8.79 -35.71 -15.67
C LYS A 272 -9.38 -37.02 -16.17
N ASP A 273 -10.69 -37.11 -16.30
CA ASP A 273 -11.30 -38.27 -16.93
C ASP A 273 -11.20 -38.19 -18.45
N LEU A 274 -11.47 -37.02 -19.03
CA LEU A 274 -11.30 -36.84 -20.46
C LEU A 274 -9.83 -36.93 -20.86
N PHE A 275 -8.94 -36.56 -19.95
CA PHE A 275 -7.51 -36.75 -20.17
C PHE A 275 -7.10 -38.21 -20.13
N GLU A 276 -7.71 -39.00 -19.23
CA GLU A 276 -7.28 -40.38 -19.04
C GLU A 276 -7.63 -41.26 -20.23
N GLU A 277 -8.77 -41.01 -20.87
CA GLU A 277 -9.14 -41.85 -22.01
C GLU A 277 -8.43 -41.45 -23.29
N LYS A 278 -8.27 -40.15 -23.55
CA LYS A 278 -7.68 -39.70 -24.80
C LYS A 278 -6.16 -39.81 -24.84
N ILE A 279 -5.52 -40.20 -23.74
CA ILE A 279 -4.06 -40.28 -23.70
C ILE A 279 -3.48 -41.51 -24.40
N THR A 280 -4.30 -42.49 -24.78
CA THR A 280 -3.73 -43.64 -25.48
C THR A 280 -3.72 -43.49 -26.99
N HIS A 281 -4.69 -42.79 -27.57
CA HIS A 281 -4.66 -42.59 -29.02
C HIS A 281 -3.57 -41.60 -29.45
N SER A 282 -3.08 -40.75 -28.55
CA SER A 282 -2.04 -39.79 -28.92
C SER A 282 -1.04 -39.64 -27.80
N PRO A 283 0.25 -39.58 -28.12
CA PRO A 283 1.28 -39.43 -27.08
C PRO A 283 1.37 -37.99 -26.62
N LEU A 284 2.21 -37.76 -25.61
CA LEU A 284 2.50 -36.39 -25.22
C LEU A 284 3.60 -35.78 -26.05
N THR A 285 4.21 -36.53 -26.97
CA THR A 285 5.25 -36.00 -27.83
C THR A 285 4.71 -34.97 -28.82
N ILE A 286 3.39 -34.98 -29.06
CA ILE A 286 2.76 -33.91 -29.80
C ILE A 286 2.80 -32.62 -29.01
N CYS A 287 2.44 -32.69 -27.72
CA CYS A 287 2.52 -31.51 -26.86
C CYS A 287 3.94 -31.30 -26.31
N PHE A 288 4.41 -32.21 -25.45
CA PHE A 288 5.76 -32.14 -24.91
C PHE A 288 6.65 -33.16 -25.60
N PRO A 289 7.52 -32.76 -26.53
CA PRO A 289 8.40 -33.73 -27.21
C PRO A 289 9.41 -34.40 -26.31
N GLU A 290 9.96 -33.67 -25.35
CA GLU A 290 11.06 -34.07 -24.47
C GLU A 290 10.65 -35.09 -23.40
N TYR A 291 9.37 -35.43 -23.34
CA TYR A 291 8.84 -36.38 -22.36
C TYR A 291 9.34 -37.80 -22.63
N THR A 292 9.87 -38.44 -21.58
CA THR A 292 10.36 -39.83 -21.65
C THR A 292 9.73 -40.57 -20.47
N GLY A 293 8.46 -40.94 -20.62
CA GLY A 293 7.74 -41.63 -19.58
C GLY A 293 6.70 -42.53 -20.20
N ALA A 294 6.20 -43.47 -19.40
CA ALA A 294 5.12 -44.33 -19.85
C ALA A 294 3.85 -43.52 -20.09
N ASN A 295 3.13 -43.86 -21.16
CA ASN A 295 1.93 -43.15 -21.57
C ASN A 295 0.70 -43.68 -20.82
N LYS A 296 0.69 -43.45 -19.52
CA LYS A 296 -0.47 -43.77 -18.70
C LYS A 296 -0.80 -42.51 -17.92
N TYR A 297 -2.04 -42.47 -17.40
CA TYR A 297 -2.57 -41.26 -16.77
C TYR A 297 -1.74 -40.82 -15.57
N ASP A 298 -1.23 -41.77 -14.78
CA ASP A 298 -0.49 -41.43 -13.57
C ASP A 298 0.81 -40.69 -13.88
N GLU A 299 1.61 -41.24 -14.79
CA GLU A 299 2.89 -40.60 -15.14
C GLU A 299 2.68 -39.31 -15.92
N ALA A 300 1.74 -39.30 -16.86
CA ALA A 300 1.50 -38.13 -17.71
C ALA A 300 0.99 -36.94 -16.93
N ALA A 301 0.05 -37.16 -16.01
CA ALA A 301 -0.47 -36.07 -15.18
C ALA A 301 0.60 -35.48 -14.28
N SER A 302 1.47 -36.33 -13.72
CA SER A 302 2.50 -35.83 -12.83
C SER A 302 3.59 -35.08 -13.59
N TYR A 303 3.74 -35.32 -14.89
CA TYR A 303 4.73 -34.57 -15.65
C TYR A 303 4.18 -33.21 -16.05
N ILE A 304 2.90 -33.14 -16.40
CA ILE A 304 2.26 -31.87 -16.75
C ILE A 304 2.21 -30.95 -15.54
N GLN A 305 1.93 -31.51 -14.37
CA GLN A 305 1.94 -30.74 -13.12
C GLN A 305 3.35 -30.24 -12.80
N SER A 306 4.37 -31.04 -13.09
CA SER A 306 5.74 -30.61 -12.86
C SER A 306 6.16 -29.51 -13.83
N LYS A 307 5.65 -29.54 -15.06
CA LYS A 307 5.94 -28.47 -16.01
C LYS A 307 5.32 -27.15 -15.57
N PHE A 308 4.06 -27.20 -15.12
CA PHE A 308 3.37 -25.99 -14.66
C PHE A 308 3.98 -25.45 -13.39
N GLU A 309 4.37 -26.33 -12.47
CA GLU A 309 4.90 -25.91 -11.17
C GLU A 309 6.24 -25.21 -11.33
N ASP A 310 7.18 -25.84 -12.03
CA ASP A 310 8.54 -25.34 -12.21
C ASP A 310 8.66 -24.01 -12.97
N LEU A 311 7.54 -23.44 -13.43
CA LEU A 311 7.52 -22.07 -13.93
C LEU A 311 7.49 -21.04 -12.81
N ASN A 312 7.46 -21.49 -11.56
CA ASN A 312 7.51 -20.61 -10.40
C ASN A 312 8.96 -20.29 -10.10
N LYS A 313 9.39 -19.09 -10.47
CA LYS A 313 10.74 -18.67 -10.09
C LYS A 313 10.80 -18.20 -8.64
N ARG A 314 9.70 -17.65 -8.12
CA ARG A 314 9.63 -17.28 -6.71
C ARG A 314 9.25 -18.51 -5.89
N LYS A 315 10.22 -19.40 -5.73
CA LYS A 315 9.97 -20.63 -5.00
C LYS A 315 9.94 -20.44 -3.50
N ASP A 316 10.40 -19.32 -3.00
CA ASP A 316 10.46 -19.11 -1.56
C ASP A 316 9.22 -18.41 -1.01
N THR A 317 8.57 -17.57 -1.81
CA THR A 317 7.56 -16.67 -1.27
C THR A 317 6.15 -17.02 -1.67
N LYS A 318 5.98 -17.73 -2.78
CA LYS A 318 4.66 -18.13 -3.22
C LYS A 318 4.71 -19.60 -3.58
N GLU A 319 3.58 -20.27 -3.40
CA GLU A 319 3.49 -21.70 -3.54
C GLU A 319 2.32 -22.05 -4.44
N ILE A 320 2.50 -23.06 -5.27
CA ILE A 320 1.49 -23.56 -6.18
C ILE A 320 0.90 -24.83 -5.60
N TYR A 321 -0.40 -24.82 -5.36
CA TYR A 321 -1.13 -25.97 -4.83
C TYR A 321 -1.91 -26.60 -5.97
N THR A 322 -1.55 -27.82 -6.35
CA THR A 322 -2.14 -28.47 -7.52
C THR A 322 -3.15 -29.51 -7.09
N HIS A 323 -4.39 -29.37 -7.54
CA HIS A 323 -5.42 -30.37 -7.29
C HIS A 323 -6.12 -30.67 -8.59
N PHE A 324 -6.32 -31.96 -8.87
CA PHE A 324 -7.06 -32.40 -10.03
C PHE A 324 -8.55 -32.37 -9.68
N THR A 325 -9.33 -31.61 -10.44
CA THR A 325 -10.73 -31.38 -10.08
C THR A 325 -11.58 -32.65 -10.15
N CYS A 326 -12.49 -32.76 -9.19
CA CYS A 326 -13.41 -33.89 -9.12
C CYS A 326 -14.81 -33.43 -9.53
N SER A 327 -15.63 -34.39 -9.93
CA SER A 327 -17.01 -34.06 -10.29
C SER A 327 -17.88 -33.77 -9.08
N THR A 328 -17.51 -34.25 -7.91
CA THR A 328 -18.25 -33.99 -6.68
C THR A 328 -17.94 -32.59 -6.14
N ASP A 329 -18.99 -31.86 -5.77
CA ASP A 329 -18.86 -30.44 -5.43
C ASP A 329 -18.08 -30.19 -4.15
N THR A 330 -18.27 -31.03 -3.12
CA THR A 330 -17.60 -30.86 -1.83
C THR A 330 -16.07 -30.85 -1.94
N LYS A 331 -15.48 -31.77 -2.71
CA LYS A 331 -14.03 -31.94 -2.75
C LYS A 331 -13.29 -30.71 -3.28
N ASN A 332 -13.78 -30.12 -4.37
CA ASN A 332 -13.10 -28.96 -4.94
C ASN A 332 -13.16 -27.75 -4.03
N VAL A 333 -14.32 -27.48 -3.43
CA VAL A 333 -14.46 -26.35 -2.53
C VAL A 333 -13.63 -26.57 -1.26
N GLN A 334 -13.57 -27.81 -0.78
CA GLN A 334 -12.79 -28.13 0.42
C GLN A 334 -11.30 -27.88 0.20
N PHE A 335 -10.79 -28.22 -0.99
CA PHE A 335 -9.40 -27.93 -1.31
C PHE A 335 -9.13 -26.44 -1.33
N VAL A 336 -10.07 -25.67 -1.89
CA VAL A 336 -9.93 -24.21 -1.94
C VAL A 336 -9.87 -23.65 -0.53
N PHE A 337 -10.70 -24.17 0.36
CA PHE A 337 -10.67 -23.75 1.76
C PHE A 337 -9.37 -24.15 2.45
N ASP A 338 -8.86 -25.35 2.18
CA ASP A 338 -7.59 -25.78 2.77
C ASP A 338 -6.42 -24.96 2.25
N ALA A 339 -6.39 -24.66 0.94
CA ALA A 339 -5.33 -23.83 0.39
C ALA A 339 -5.39 -22.41 0.93
N VAL A 340 -6.60 -21.85 1.04
CA VAL A 340 -6.78 -20.52 1.62
C VAL A 340 -6.39 -20.50 3.10
N THR A 341 -6.66 -21.59 3.82
CA THR A 341 -6.28 -21.66 5.24
C THR A 341 -4.78 -21.67 5.41
N ASP A 342 -4.08 -22.48 4.61
CA ASP A 342 -2.61 -22.52 4.64
C ASP A 342 -1.97 -21.19 4.29
N VAL A 343 -2.50 -20.47 3.28
CA VAL A 343 -1.91 -19.19 2.94
C VAL A 343 -2.16 -18.14 4.02
N ILE A 344 -3.33 -18.18 4.67
CA ILE A 344 -3.64 -17.21 5.73
C ILE A 344 -2.76 -17.44 6.95
N ILE A 345 -2.51 -18.70 7.31
CA ILE A 345 -1.62 -19.03 8.43
C ILE A 345 -0.20 -18.60 8.12
N LYS A 346 0.26 -18.85 6.90
CA LYS A 346 1.60 -18.46 6.53
C LYS A 346 1.75 -16.95 6.38
N ASN A 347 0.65 -16.24 6.08
CA ASN A 347 0.69 -14.79 6.07
C ASN A 347 0.82 -14.23 7.48
N ASN A 348 0.12 -14.84 8.44
CA ASN A 348 0.25 -14.46 9.84
C ASN A 348 1.65 -14.71 10.38
N LEU A 349 2.26 -15.83 9.98
CA LEU A 349 3.60 -16.18 10.45
C LEU A 349 4.66 -15.22 9.92
N LYS A 350 4.47 -14.67 8.72
CA LYS A 350 5.44 -13.74 8.19
C LYS A 350 5.40 -12.39 8.88
N ASP A 351 4.30 -12.05 9.55
CA ASP A 351 4.23 -10.81 10.30
C ASP A 351 4.84 -10.90 11.69
N CYS A 352 4.91 -12.09 12.29
CA CYS A 352 5.68 -12.25 13.51
C CYS A 352 7.17 -12.09 13.23
N GLY A 353 7.64 -12.73 12.18
CA GLY A 353 9.04 -12.95 11.96
C GLY A 353 9.46 -14.38 12.11
N LEU A 354 8.53 -15.30 12.31
CA LEU A 354 8.87 -16.70 12.44
C LEU A 354 9.13 -17.32 11.07
N PHE A 355 8.23 -17.08 10.13
CA PHE A 355 8.35 -17.63 8.78
C PHE A 355 9.41 -16.86 8.00
N LEU B 14 -4.34 -4.05 -51.85
CA LEU B 14 -4.54 -3.55 -50.49
C LEU B 14 -3.27 -2.94 -49.90
N ASP B 15 -2.11 -3.47 -50.30
CA ASP B 15 -0.85 -2.96 -49.77
C ASP B 15 -0.54 -1.57 -50.32
N GLN B 16 -0.67 -1.37 -51.63
CA GLN B 16 -0.35 -0.10 -52.26
C GLN B 16 -1.24 1.03 -51.76
N LEU B 17 -2.50 0.74 -51.44
CA LEU B 17 -3.38 1.77 -50.91
C LEU B 17 -2.91 2.24 -49.53
N ARG B 18 -2.46 1.30 -48.69
CA ARG B 18 -1.97 1.67 -47.36
C ARG B 18 -0.69 2.50 -47.43
N GLN B 19 0.24 2.16 -48.33
CA GLN B 19 1.42 3.02 -48.47
C GLN B 19 1.04 4.40 -49.01
N GLU B 20 -0.04 4.48 -49.81
CA GLU B 20 -0.54 5.79 -50.23
C GLU B 20 -0.93 6.64 -49.01
N ALA B 21 -1.53 6.01 -48.00
CA ALA B 21 -1.74 6.69 -46.72
C ALA B 21 -0.41 7.05 -46.07
N GLU B 22 0.58 6.14 -46.17
CA GLU B 22 1.92 6.46 -45.70
C GLU B 22 2.54 7.60 -46.52
N GLN B 23 2.23 7.67 -47.83
CA GLN B 23 2.66 8.81 -48.64
C GLN B 23 2.08 10.12 -48.11
N LEU B 24 0.83 10.08 -47.63
CA LEU B 24 0.25 11.25 -46.97
C LEU B 24 0.98 11.56 -45.67
N LYS B 25 1.42 10.53 -44.95
CA LYS B 25 2.19 10.73 -43.72
C LYS B 25 3.51 11.46 -43.97
N ASN B 26 4.17 11.19 -45.11
CA ASN B 26 5.45 11.84 -45.40
C ASN B 26 5.31 13.35 -45.56
N GLN B 27 4.30 13.83 -46.30
CA GLN B 27 4.08 15.26 -46.43
C GLN B 27 3.64 15.89 -45.11
N ILE B 28 2.86 15.16 -44.29
CA ILE B 28 2.46 15.66 -42.97
C ILE B 28 3.68 15.91 -42.10
N ARG B 29 4.64 14.98 -42.12
CA ARG B 29 5.90 15.19 -41.39
C ARG B 29 6.65 16.40 -41.94
N ASP B 30 6.70 16.52 -43.28
CA ASP B 30 7.30 17.69 -43.91
C ASP B 30 6.56 18.97 -43.58
N ALA B 31 5.22 18.94 -43.58
CA ALA B 31 4.44 20.14 -43.26
C ALA B 31 4.64 20.56 -41.81
N ARG B 32 4.67 19.59 -40.90
CA ARG B 32 4.97 19.89 -39.50
C ARG B 32 6.38 20.43 -39.34
N LYS B 33 7.34 19.84 -40.06
CA LYS B 33 8.71 20.36 -40.05
C LYS B 33 8.79 21.77 -40.62
N ALA B 34 8.03 22.03 -41.69
CA ALA B 34 7.98 23.34 -42.35
C ALA B 34 7.71 24.50 -41.40
N CYS B 35 6.81 24.31 -40.43
CA CYS B 35 6.41 25.38 -39.54
C CYS B 35 7.15 25.36 -38.21
N ALA B 36 8.19 24.54 -38.08
CA ALA B 36 9.05 24.57 -36.90
C ALA B 36 10.15 25.62 -37.08
N ASP B 37 9.71 26.88 -37.08
CA ASP B 37 10.65 27.98 -37.32
C ASP B 37 11.55 28.24 -36.13
N ALA B 38 11.15 27.82 -34.93
CA ALA B 38 11.93 27.99 -33.73
C ALA B 38 11.54 26.89 -32.75
N THR B 39 12.20 26.90 -31.59
CA THR B 39 11.84 26.01 -30.50
C THR B 39 11.31 26.84 -29.35
N LEU B 40 10.37 26.24 -28.59
CA LEU B 40 9.84 26.88 -27.39
C LEU B 40 10.96 27.24 -26.41
N SER B 41 11.99 26.40 -26.32
CA SER B 41 13.07 26.63 -25.37
C SER B 41 13.85 27.90 -25.69
N GLN B 42 14.20 28.11 -26.97
CA GLN B 42 14.95 29.33 -27.28
C GLN B 42 14.08 30.58 -27.28
N ILE B 43 12.78 30.45 -27.56
CA ILE B 43 11.87 31.59 -27.46
C ILE B 43 11.72 32.03 -26.00
N THR B 44 11.70 31.08 -25.08
CA THR B 44 11.51 31.34 -23.66
C THR B 44 12.83 31.41 -22.92
N ASN B 45 13.94 31.39 -23.65
CA ASN B 45 15.28 31.41 -23.06
C ASN B 45 15.54 32.68 -22.25
N ASN B 46 14.93 33.80 -22.62
CA ASN B 46 15.30 35.09 -22.06
C ASN B 46 14.75 35.33 -20.65
N ILE B 47 13.66 34.66 -20.27
CA ILE B 47 12.98 34.94 -19.01
C ILE B 47 13.75 34.34 -17.83
N ASP B 48 13.63 34.97 -16.67
CA ASP B 48 14.25 34.45 -15.46
C ASP B 48 13.48 33.18 -15.03
N PRO B 49 14.18 32.11 -14.68
CA PRO B 49 13.49 30.93 -14.14
C PRO B 49 12.92 31.18 -12.75
N VAL B 50 11.80 30.51 -12.47
CA VAL B 50 11.08 30.68 -11.21
C VAL B 50 11.88 30.21 -10.00
N GLY B 51 12.70 29.18 -10.13
CA GLY B 51 13.42 28.73 -8.96
C GLY B 51 12.61 27.74 -8.16
N ARG B 52 13.14 27.37 -6.99
CA ARG B 52 12.52 26.37 -6.13
C ARG B 52 11.15 26.82 -5.62
N ILE B 53 10.19 25.91 -5.74
CA ILE B 53 8.83 26.07 -5.22
C ILE B 53 8.63 25.03 -4.14
N GLN B 54 8.17 25.46 -2.98
CA GLN B 54 8.11 24.58 -1.81
C GLN B 54 6.68 24.51 -1.30
N MET B 55 5.85 23.72 -1.96
CA MET B 55 4.50 23.45 -1.48
C MET B 55 4.56 22.48 -0.31
N ARG B 56 3.88 22.82 0.78
CA ARG B 56 3.75 21.92 1.91
C ARG B 56 2.34 21.34 1.96
N THR B 57 2.23 20.12 2.46
CA THR B 57 0.93 19.51 2.68
C THR B 57 0.16 20.24 3.80
N ARG B 58 -1.00 20.78 3.45
CA ARG B 58 -1.82 21.48 4.43
C ARG B 58 -2.91 20.63 5.04
N ARG B 59 -3.27 19.52 4.41
CA ARG B 59 -4.32 18.63 4.91
C ARG B 59 -3.95 17.23 4.50
N THR B 60 -4.27 16.27 5.36
CA THR B 60 -4.24 14.86 4.98
C THR B 60 -5.65 14.33 5.13
N LEU B 61 -6.24 13.89 4.03
CA LEU B 61 -7.61 13.41 4.01
C LEU B 61 -7.57 11.91 4.28
N ARG B 62 -8.01 11.49 5.45
CA ARG B 62 -7.94 10.11 5.88
C ARG B 62 -9.33 9.50 5.89
N GLY B 63 -9.43 8.22 5.54
CA GLY B 63 -10.70 7.55 5.62
C GLY B 63 -10.96 6.49 4.58
N HIS B 64 -10.31 6.57 3.43
CA HIS B 64 -10.32 5.45 2.51
C HIS B 64 -9.56 4.27 3.10
N LEU B 65 -9.98 3.06 2.74
CA LEU B 65 -9.38 1.85 3.29
C LEU B 65 -8.81 0.96 2.21
N ALA B 66 -8.53 1.52 1.03
CA ALA B 66 -7.90 0.81 -0.07
C ALA B 66 -7.22 1.85 -0.95
N LYS B 67 -6.67 1.40 -2.08
CA LYS B 67 -6.01 2.29 -3.03
C LYS B 67 -6.98 3.31 -3.58
N ILE B 68 -6.54 4.56 -3.68
CA ILE B 68 -7.32 5.60 -4.34
C ILE B 68 -6.92 5.63 -5.80
N TYR B 69 -7.91 5.59 -6.70
CA TYR B 69 -7.63 5.54 -8.12
C TYR B 69 -7.97 6.82 -8.87
N ALA B 70 -8.81 7.69 -8.34
CA ALA B 70 -9.18 8.90 -9.04
C ALA B 70 -9.68 9.92 -8.05
N MET B 71 -9.63 11.18 -8.45
CA MET B 71 -10.25 12.27 -7.71
C MET B 71 -10.61 13.37 -8.69
N HIS B 72 -11.50 14.25 -8.26
CA HIS B 72 -11.88 15.39 -9.10
C HIS B 72 -12.40 16.49 -8.21
N TRP B 73 -11.83 17.67 -8.35
CA TRP B 73 -12.30 18.85 -7.63
C TRP B 73 -13.67 19.27 -8.14
N GLY B 74 -14.53 19.69 -7.23
CA GLY B 74 -15.70 20.42 -7.64
C GLY B 74 -15.32 21.79 -8.14
N THR B 75 -16.23 22.43 -8.89
CA THR B 75 -15.86 23.71 -9.46
C THR B 75 -15.90 24.85 -8.45
N ASP B 76 -16.41 24.60 -7.25
CA ASP B 76 -16.40 25.57 -6.17
C ASP B 76 -15.08 25.61 -5.42
N SER B 77 -14.10 24.79 -5.82
CA SER B 77 -12.75 24.71 -5.26
C SER B 77 -12.71 24.37 -3.78
N ARG B 78 -13.79 23.81 -3.26
CA ARG B 78 -13.92 23.45 -1.85
C ARG B 78 -14.24 21.97 -1.68
N LEU B 79 -15.26 21.48 -2.37
CA LEU B 79 -15.61 20.09 -2.38
C LEU B 79 -14.73 19.32 -3.36
N LEU B 80 -14.44 18.06 -3.03
CA LEU B 80 -13.78 17.18 -3.98
C LEU B 80 -14.31 15.79 -3.76
N VAL B 81 -14.29 14.98 -4.80
CA VAL B 81 -14.78 13.60 -4.75
C VAL B 81 -13.59 12.69 -4.98
N SER B 82 -13.56 11.56 -4.30
CA SER B 82 -12.50 10.59 -4.52
C SER B 82 -13.09 9.20 -4.63
N ALA B 83 -12.44 8.35 -5.44
CA ALA B 83 -12.89 7.01 -5.73
C ALA B 83 -11.81 6.03 -5.36
N SER B 84 -12.19 4.97 -4.65
CA SER B 84 -11.21 4.01 -4.15
C SER B 84 -11.72 2.60 -4.37
N GLN B 85 -10.79 1.65 -4.34
CA GLN B 85 -11.12 0.24 -4.48
C GLN B 85 -11.84 -0.37 -3.29
N ASP B 86 -12.08 0.36 -2.21
CA ASP B 86 -12.94 -0.14 -1.14
C ASP B 86 -14.44 0.00 -1.42
N GLY B 87 -14.82 0.42 -2.61
CA GLY B 87 -16.22 0.58 -2.93
C GLY B 87 -16.89 1.81 -2.36
N LYS B 88 -16.12 2.82 -1.97
CA LYS B 88 -16.66 4.06 -1.43
C LYS B 88 -16.30 5.23 -2.32
N LEU B 89 -17.28 6.07 -2.60
CA LEU B 89 -17.10 7.37 -3.22
C LEU B 89 -17.34 8.40 -2.14
N ILE B 90 -16.29 9.08 -1.71
CA ILE B 90 -16.38 10.03 -0.61
C ILE B 90 -16.27 11.43 -1.18
N ILE B 91 -17.18 12.31 -0.78
CA ILE B 91 -17.10 13.73 -1.09
C ILE B 91 -16.57 14.43 0.14
N TRP B 92 -15.48 15.17 0.01
CA TRP B 92 -14.82 15.81 1.13
C TRP B 92 -15.06 17.30 1.07
N ASP B 93 -15.34 17.91 2.21
CA ASP B 93 -15.21 19.35 2.35
C ASP B 93 -13.75 19.57 2.75
N SER B 94 -12.94 19.97 1.77
CA SER B 94 -11.49 20.00 1.95
C SER B 94 -11.02 21.08 2.92
N TYR B 95 -11.83 22.11 3.16
CA TYR B 95 -11.42 23.18 4.07
C TYR B 95 -11.40 22.68 5.51
N THR B 96 -12.43 21.94 5.90
CA THR B 96 -12.61 21.48 7.27
C THR B 96 -12.19 20.04 7.51
N THR B 97 -11.90 19.27 6.44
CA THR B 97 -11.62 17.83 6.33
C THR B 97 -12.90 17.00 6.54
N ASN B 98 -14.04 17.65 6.72
CA ASN B 98 -15.32 16.95 6.87
C ASN B 98 -15.69 16.13 5.64
N LYS B 99 -16.20 14.93 5.88
CA LYS B 99 -16.81 14.13 4.84
C LYS B 99 -18.25 14.59 4.63
N VAL B 100 -18.57 15.03 3.41
CA VAL B 100 -19.93 15.48 3.14
C VAL B 100 -20.83 14.30 2.81
N HIS B 101 -20.36 13.39 1.95
CA HIS B 101 -21.09 12.20 1.59
C HIS B 101 -20.11 11.05 1.46
N ALA B 102 -20.58 9.84 1.79
CA ALA B 102 -19.87 8.62 1.45
C ALA B 102 -20.84 7.73 0.69
N ILE B 103 -20.61 7.57 -0.60
CA ILE B 103 -21.55 6.89 -1.48
C ILE B 103 -21.09 5.44 -1.63
N PRO B 104 -21.91 4.45 -1.28
CA PRO B 104 -21.49 3.05 -1.43
C PRO B 104 -21.67 2.57 -2.86
N LEU B 105 -20.60 2.05 -3.44
CA LEU B 105 -20.57 1.69 -4.85
C LEU B 105 -21.07 0.27 -5.03
N ARG B 106 -21.84 0.07 -6.10
CA ARG B 106 -22.34 -1.27 -6.41
C ARG B 106 -21.23 -2.21 -6.83
N SER B 107 -20.24 -1.70 -7.55
CA SER B 107 -19.04 -2.46 -7.89
C SER B 107 -17.84 -1.71 -7.34
N SER B 108 -16.96 -2.40 -6.65
CA SER B 108 -15.84 -1.74 -6.00
C SER B 108 -14.65 -1.53 -6.91
N TRP B 109 -14.69 -2.02 -8.15
CA TRP B 109 -13.52 -1.95 -9.04
C TRP B 109 -13.56 -0.68 -9.88
N VAL B 110 -13.62 0.43 -9.22
CA VAL B 110 -13.77 1.68 -9.92
C VAL B 110 -12.40 2.22 -10.29
N MET B 111 -12.35 2.95 -11.40
CA MET B 111 -11.12 3.52 -11.90
C MET B 111 -11.22 5.01 -12.17
N THR B 112 -12.41 5.59 -12.16
CA THR B 112 -12.56 6.99 -12.50
C THR B 112 -13.70 7.59 -11.70
N CYS B 113 -13.64 8.90 -11.50
CA CYS B 113 -14.75 9.64 -10.94
C CYS B 113 -14.76 11.03 -11.54
N ALA B 114 -15.90 11.70 -11.42
CA ALA B 114 -16.06 13.04 -11.96
C ALA B 114 -17.06 13.79 -11.12
N TYR B 115 -16.85 15.10 -11.01
CA TYR B 115 -17.77 15.99 -10.33
C TYR B 115 -18.44 16.88 -11.37
N ALA B 116 -19.77 16.91 -11.37
CA ALA B 116 -20.49 17.76 -12.30
C ALA B 116 -20.25 19.24 -11.96
N PRO B 117 -20.15 20.11 -12.96
CA PRO B 117 -19.95 21.53 -12.69
C PRO B 117 -21.07 22.18 -11.89
N SER B 118 -22.30 21.68 -11.98
CA SER B 118 -23.35 22.24 -11.14
C SER B 118 -23.18 21.85 -9.68
N GLY B 119 -22.42 20.80 -9.41
CA GLY B 119 -22.34 20.18 -8.10
C GLY B 119 -23.47 19.23 -7.77
N ASN B 120 -24.43 19.04 -8.66
CA ASN B 120 -25.58 18.19 -8.39
C ASN B 120 -25.34 16.72 -8.68
N TYR B 121 -24.28 16.37 -9.39
CA TYR B 121 -24.09 15.01 -9.85
C TYR B 121 -22.64 14.62 -9.67
N VAL B 122 -22.41 13.34 -9.43
CA VAL B 122 -21.09 12.74 -9.61
C VAL B 122 -21.26 11.57 -10.56
N ALA B 123 -20.14 11.13 -11.11
CA ALA B 123 -20.11 9.99 -11.99
C ALA B 123 -18.98 9.09 -11.56
N CYS B 124 -19.10 7.80 -11.88
CA CYS B 124 -18.10 6.85 -11.44
C CYS B 124 -18.22 5.60 -12.29
N GLY B 125 -17.10 4.93 -12.51
CA GLY B 125 -17.13 3.69 -13.26
C GLY B 125 -15.75 3.08 -13.32
N GLY B 126 -15.67 1.93 -13.96
CA GLY B 126 -14.43 1.18 -13.93
C GLY B 126 -14.52 -0.12 -14.67
N LEU B 127 -14.09 -1.22 -14.02
CA LEU B 127 -14.08 -2.52 -14.67
C LEU B 127 -15.48 -3.12 -14.83
N ASP B 128 -16.51 -2.48 -14.30
CA ASP B 128 -17.88 -2.91 -14.49
C ASP B 128 -18.45 -2.53 -15.86
N ASN B 129 -17.71 -1.75 -16.66
CA ASN B 129 -18.11 -1.25 -17.97
C ASN B 129 -19.35 -0.37 -17.92
N ILE B 130 -19.66 0.20 -16.76
CA ILE B 130 -20.87 0.98 -16.52
C ILE B 130 -20.42 2.31 -15.95
N CYS B 131 -20.97 3.41 -16.46
CA CYS B 131 -20.80 4.73 -15.86
C CYS B 131 -22.04 5.09 -15.07
N SER B 132 -21.94 5.08 -13.75
CA SER B 132 -23.08 5.35 -12.90
C SER B 132 -23.14 6.83 -12.55
N ILE B 133 -24.31 7.45 -12.73
CA ILE B 133 -24.50 8.86 -12.42
C ILE B 133 -25.29 8.93 -11.12
N TYR B 134 -24.84 9.74 -10.17
CA TYR B 134 -25.45 9.82 -8.86
C TYR B 134 -25.95 11.21 -8.60
N ASN B 135 -27.22 11.35 -8.24
CA ASN B 135 -27.80 12.65 -7.94
C ASN B 135 -27.48 12.96 -6.48
N LEU B 136 -26.77 14.07 -6.23
CA LEU B 136 -26.39 14.39 -4.87
C LEU B 136 -27.44 15.18 -4.10
N LYS B 137 -28.48 15.66 -4.78
CA LYS B 137 -29.44 16.57 -4.17
C LYS B 137 -30.86 16.03 -4.33
N THR B 138 -31.07 14.79 -3.91
CA THR B 138 -32.37 14.18 -4.02
C THR B 138 -33.24 14.59 -2.84
N ASN B 142 -30.54 11.82 0.61
CA ASN B 142 -29.32 11.06 0.41
C ASN B 142 -29.02 10.82 -1.08
N VAL B 143 -27.85 10.25 -1.36
CA VAL B 143 -27.37 10.04 -2.72
C VAL B 143 -27.89 8.73 -3.30
N ARG B 144 -28.51 8.81 -4.48
CA ARG B 144 -29.02 7.62 -5.17
C ARG B 144 -28.59 7.61 -6.63
N VAL B 145 -28.43 6.41 -7.18
CA VAL B 145 -28.12 6.22 -8.58
C VAL B 145 -29.24 6.78 -9.45
N SER B 146 -28.92 7.71 -10.33
CA SER B 146 -29.93 8.22 -11.26
C SER B 146 -29.88 7.56 -12.63
N ARG B 147 -28.71 7.14 -13.11
CA ARG B 147 -28.56 6.51 -14.41
C ARG B 147 -27.37 5.57 -14.38
N GLU B 148 -27.49 4.45 -15.07
CA GLU B 148 -26.35 3.59 -15.37
C GLU B 148 -26.18 3.52 -16.88
N LEU B 149 -25.16 4.19 -17.40
CA LEU B 149 -24.93 4.28 -18.82
C LEU B 149 -24.18 3.04 -19.31
N ALA B 150 -24.87 2.17 -20.04
CA ALA B 150 -24.33 0.90 -20.50
C ALA B 150 -24.07 0.95 -21.99
N GLY B 151 -23.05 0.21 -22.44
CA GLY B 151 -22.75 0.17 -23.84
C GLY B 151 -21.29 0.01 -24.23
N HIS B 152 -20.38 0.44 -23.37
CA HIS B 152 -18.97 0.15 -23.59
C HIS B 152 -18.67 -1.34 -23.50
N THR B 153 -17.65 -1.77 -24.23
CA THR B 153 -17.24 -3.16 -24.29
C THR B 153 -15.88 -3.37 -23.62
N GLY B 154 -15.35 -2.32 -23.01
CA GLY B 154 -14.17 -2.43 -22.17
C GLY B 154 -14.37 -1.60 -20.92
N TYR B 155 -13.35 -1.61 -20.06
CA TYR B 155 -13.46 -0.92 -18.78
C TYR B 155 -13.60 0.57 -19.03
N LEU B 156 -14.34 1.23 -18.16
CA LEU B 156 -14.47 2.68 -18.28
C LEU B 156 -13.24 3.30 -17.65
N SER B 157 -12.44 4.01 -18.44
CA SER B 157 -11.19 4.52 -17.91
C SER B 157 -11.24 5.97 -17.48
N CYS B 158 -12.18 6.77 -17.99
CA CYS B 158 -12.28 8.18 -17.65
C CYS B 158 -13.66 8.66 -18.04
N CYS B 159 -14.10 9.73 -17.37
CA CYS B 159 -15.39 10.33 -17.68
C CYS B 159 -15.39 11.77 -17.21
N ARG B 160 -16.06 12.63 -17.97
CA ARG B 160 -16.01 14.07 -17.74
C ARG B 160 -17.35 14.66 -18.14
N PHE B 161 -17.86 15.58 -17.33
CA PHE B 161 -19.17 16.19 -17.59
C PHE B 161 -19.00 17.42 -18.46
N LEU B 162 -19.62 17.42 -19.64
CA LEU B 162 -19.76 18.68 -20.37
C LEU B 162 -20.69 19.63 -19.62
N ASP B 163 -21.78 19.10 -19.10
CA ASP B 163 -22.75 19.81 -18.27
C ASP B 163 -23.52 18.74 -17.52
N ASP B 164 -24.59 19.12 -16.83
CA ASP B 164 -25.45 18.14 -16.18
C ASP B 164 -26.07 17.16 -17.17
N ASN B 165 -26.46 17.65 -18.35
CA ASN B 165 -27.17 16.81 -19.30
C ASN B 165 -26.24 15.80 -20.00
N GLN B 166 -25.01 16.19 -20.31
CA GLN B 166 -24.13 15.40 -21.18
C GLN B 166 -22.83 15.01 -20.49
N ILE B 167 -22.36 13.79 -20.75
CA ILE B 167 -21.12 13.30 -20.16
C ILE B 167 -20.31 12.52 -21.21
N VAL B 168 -19.06 12.90 -21.40
CA VAL B 168 -18.19 12.14 -22.29
C VAL B 168 -17.46 11.08 -21.48
N THR B 169 -17.34 9.89 -22.05
CA THR B 169 -16.69 8.77 -21.39
C THR B 169 -15.62 8.22 -22.32
N SER B 170 -14.58 7.63 -21.75
CA SER B 170 -13.58 6.91 -22.52
C SER B 170 -13.53 5.48 -22.04
N SER B 171 -13.10 4.57 -22.90
CA SER B 171 -13.19 3.17 -22.57
C SER B 171 -12.02 2.40 -23.13
N GLY B 172 -11.68 1.31 -22.46
CA GLY B 172 -10.73 0.33 -22.92
C GLY B 172 -11.07 -0.36 -24.24
N ASP B 173 -12.31 -0.25 -24.72
CA ASP B 173 -12.70 -0.81 -26.02
C ASP B 173 -12.21 -0.03 -27.23
N THR B 174 -11.34 0.97 -27.05
CA THR B 174 -10.68 1.87 -28.01
C THR B 174 -11.58 3.00 -28.49
N THR B 175 -12.79 3.14 -27.95
CA THR B 175 -13.65 4.25 -28.33
C THR B 175 -13.85 5.19 -27.15
N CYS B 176 -14.28 6.41 -27.47
CA CYS B 176 -14.89 7.32 -26.53
C CYS B 176 -16.31 7.57 -27.01
N ALA B 177 -17.16 8.06 -26.12
CA ALA B 177 -18.56 8.25 -26.48
C ALA B 177 -19.13 9.42 -25.70
N LEU B 178 -20.03 10.14 -26.33
CA LEU B 178 -20.80 11.18 -25.67
C LEU B 178 -22.19 10.65 -25.35
N TRP B 179 -22.61 10.81 -24.10
CA TRP B 179 -23.86 10.26 -23.62
C TRP B 179 -24.83 11.38 -23.29
N ASP B 180 -26.09 11.17 -23.66
CA ASP B 180 -27.18 11.99 -23.16
C ASP B 180 -27.76 11.30 -21.93
N ILE B 181 -27.59 11.92 -20.77
CA ILE B 181 -27.92 11.28 -19.49
C ILE B 181 -29.42 11.06 -19.36
N GLU B 182 -30.22 12.05 -19.77
CA GLU B 182 -31.68 11.98 -19.68
C GLU B 182 -32.24 10.76 -20.41
N THR B 183 -31.80 10.51 -21.64
CA THR B 183 -32.29 9.34 -22.36
C THR B 183 -31.41 8.10 -22.17
N GLY B 184 -30.19 8.26 -21.65
CA GLY B 184 -29.32 7.13 -21.43
C GLY B 184 -28.67 6.56 -22.67
N GLN B 185 -28.72 7.24 -23.80
CA GLN B 185 -28.19 6.74 -25.05
C GLN B 185 -26.88 7.43 -25.42
N GLN B 186 -25.99 6.67 -26.06
CA GLN B 186 -24.86 7.25 -26.79
C GLN B 186 -25.36 8.16 -27.89
N THR B 187 -25.03 9.45 -27.82
CA THR B 187 -25.52 10.30 -28.88
C THR B 187 -24.53 10.36 -30.04
N THR B 188 -23.24 10.35 -29.76
CA THR B 188 -22.22 10.19 -30.77
C THR B 188 -21.07 9.34 -30.24
N THR B 189 -20.48 8.52 -31.09
CA THR B 189 -19.34 7.71 -30.70
C THR B 189 -18.11 8.26 -31.41
N PHE B 190 -16.95 8.07 -30.82
CA PHE B 190 -15.70 8.63 -31.32
C PHE B 190 -14.74 7.46 -31.50
N THR B 191 -14.64 6.97 -32.73
CA THR B 191 -13.81 5.82 -33.05
C THR B 191 -12.61 6.28 -33.87
N GLY B 192 -11.53 5.53 -33.75
CA GLY B 192 -10.34 5.90 -34.50
C GLY B 192 -9.06 5.59 -33.76
N HIS B 193 -9.11 5.55 -32.44
CA HIS B 193 -8.01 4.99 -31.68
C HIS B 193 -7.83 3.51 -32.00
N THR B 194 -6.58 3.07 -31.99
CA THR B 194 -6.23 1.68 -32.23
C THR B 194 -5.73 0.99 -30.97
N GLY B 195 -5.87 1.63 -29.81
CA GLY B 195 -5.59 1.00 -28.54
C GLY B 195 -6.55 1.56 -27.51
N ASP B 196 -6.60 0.88 -26.36
CA ASP B 196 -7.45 1.30 -25.24
C ASP B 196 -7.18 2.75 -24.84
N VAL B 197 -8.23 3.52 -24.70
CA VAL B 197 -8.13 4.93 -24.33
C VAL B 197 -8.01 5.05 -22.82
N MET B 198 -6.96 5.74 -22.37
CA MET B 198 -6.63 5.78 -20.95
C MET B 198 -7.07 7.05 -20.25
N SER B 199 -7.27 8.15 -20.97
CA SER B 199 -7.48 9.44 -20.34
C SER B 199 -8.04 10.42 -21.35
N LEU B 200 -8.84 11.37 -20.88
CA LEU B 200 -9.36 12.42 -21.73
C LEU B 200 -9.37 13.72 -20.96
N SER B 201 -9.41 14.82 -21.71
CA SER B 201 -9.40 16.14 -21.11
C SER B 201 -10.30 17.05 -21.92
N LEU B 202 -11.23 17.70 -21.25
CA LEU B 202 -12.16 18.59 -21.91
C LEU B 202 -11.51 19.95 -22.12
N ALA B 203 -11.73 20.54 -23.29
CA ALA B 203 -11.31 21.90 -23.53
C ALA B 203 -12.06 22.85 -22.62
N PRO B 204 -11.47 24.00 -22.26
CA PRO B 204 -12.19 25.00 -21.45
C PRO B 204 -13.50 25.48 -22.07
N ASP B 205 -13.57 25.60 -23.39
CA ASP B 205 -14.82 25.96 -24.05
C ASP B 205 -15.73 24.77 -24.30
N THR B 206 -15.29 23.56 -23.93
CA THR B 206 -16.04 22.29 -23.98
C THR B 206 -16.56 21.92 -25.38
N ARG B 207 -16.06 22.52 -26.45
CA ARG B 207 -16.45 22.08 -27.78
C ARG B 207 -15.50 21.04 -28.35
N LEU B 208 -14.29 20.92 -27.82
CA LEU B 208 -13.32 19.95 -28.25
C LEU B 208 -12.86 19.15 -27.04
N PHE B 209 -12.34 17.95 -27.28
CA PHE B 209 -11.62 17.25 -26.24
C PHE B 209 -10.50 16.44 -26.86
N VAL B 210 -9.51 16.10 -26.03
CA VAL B 210 -8.41 15.25 -26.43
C VAL B 210 -8.53 13.93 -25.68
N SER B 211 -8.02 12.87 -26.28
CA SER B 211 -8.01 11.56 -25.66
C SER B 211 -6.60 10.99 -25.75
N GLY B 212 -6.22 10.18 -24.79
CA GLY B 212 -4.93 9.53 -24.79
C GLY B 212 -5.09 8.02 -24.73
N ALA B 213 -4.30 7.31 -25.53
CA ALA B 213 -4.50 5.89 -25.69
C ALA B 213 -3.17 5.16 -25.60
N CYS B 214 -3.24 3.84 -25.54
CA CYS B 214 -2.06 2.98 -25.52
C CYS B 214 -1.45 2.74 -26.88
N ASP B 215 -1.96 3.34 -27.95
CA ASP B 215 -1.26 3.33 -29.23
C ASP B 215 -0.24 4.45 -29.35
N ALA B 216 0.10 5.12 -28.24
CA ALA B 216 1.07 6.21 -28.12
C ALA B 216 0.64 7.44 -28.90
N SER B 217 -0.62 7.56 -29.27
CA SER B 217 -1.13 8.74 -29.95
C SER B 217 -2.17 9.44 -29.09
N ALA B 218 -2.26 10.74 -29.26
CA ALA B 218 -3.35 11.55 -28.73
C ALA B 218 -4.14 12.13 -29.89
N LYS B 219 -5.44 12.23 -29.73
CA LYS B 219 -6.30 12.70 -30.80
C LYS B 219 -7.23 13.78 -30.29
N LEU B 220 -7.37 14.85 -31.06
CA LEU B 220 -8.31 15.93 -30.75
C LEU B 220 -9.64 15.68 -31.45
N TRP B 221 -10.73 15.72 -30.70
CA TRP B 221 -12.05 15.36 -31.20
C TRP B 221 -12.97 16.58 -31.20
N ASP B 222 -13.79 16.69 -32.24
CA ASP B 222 -14.84 17.71 -32.30
C ASP B 222 -16.15 17.09 -31.85
N VAL B 223 -16.73 17.67 -30.78
CA VAL B 223 -17.90 17.08 -30.12
C VAL B 223 -19.09 16.99 -31.07
N ARG B 224 -19.42 18.08 -31.76
CA ARG B 224 -20.66 18.08 -32.53
C ARG B 224 -20.57 17.34 -33.86
N GLU B 225 -19.42 17.28 -34.52
CA GLU B 225 -19.37 16.43 -35.71
C GLU B 225 -18.97 15.00 -35.39
N GLY B 226 -18.37 14.79 -34.22
CA GLY B 226 -18.06 13.46 -33.74
C GLY B 226 -16.97 12.66 -34.41
N MET B 227 -15.89 13.31 -34.85
CA MET B 227 -14.76 12.59 -35.42
C MET B 227 -13.47 13.35 -35.13
N CYS B 228 -12.36 12.70 -35.45
CA CYS B 228 -11.04 13.15 -35.05
C CYS B 228 -10.50 14.19 -36.01
N ARG B 229 -10.22 15.38 -35.50
CA ARG B 229 -9.66 16.41 -36.37
C ARG B 229 -8.16 16.26 -36.52
N GLN B 230 -7.44 15.96 -35.45
CA GLN B 230 -5.99 15.94 -35.45
C GLN B 230 -5.48 14.80 -34.59
N THR B 231 -4.31 14.29 -34.94
CA THR B 231 -3.67 13.25 -34.15
C THR B 231 -2.23 13.64 -33.89
N PHE B 232 -1.80 13.43 -32.66
CA PHE B 232 -0.49 13.86 -32.20
C PHE B 232 0.30 12.64 -31.79
N THR B 233 1.41 12.41 -32.45
CA THR B 233 2.28 11.30 -32.11
C THR B 233 3.62 11.86 -31.64
N GLY B 234 4.50 10.96 -31.22
CA GLY B 234 5.78 11.38 -30.70
C GLY B 234 6.14 10.56 -29.49
N HIS B 235 5.14 10.16 -28.71
CA HIS B 235 5.40 9.26 -27.61
C HIS B 235 5.76 7.87 -28.12
N GLU B 236 6.62 7.18 -27.39
CA GLU B 236 7.04 5.85 -27.77
C GLU B 236 6.28 4.76 -27.02
N SER B 237 5.43 5.12 -26.07
CA SER B 237 4.67 4.11 -25.33
C SER B 237 3.35 4.73 -24.87
N ASP B 238 2.64 3.99 -24.02
CA ASP B 238 1.29 4.31 -23.56
C ASP B 238 1.18 5.70 -22.98
N ILE B 239 0.12 6.41 -23.32
CA ILE B 239 -0.22 7.69 -22.71
C ILE B 239 -1.22 7.44 -21.59
N ASN B 240 -0.80 7.65 -20.35
CA ASN B 240 -1.67 7.43 -19.21
C ASN B 240 -2.49 8.65 -18.82
N ALA B 241 -2.11 9.84 -19.27
CA ALA B 241 -2.72 11.05 -18.73
C ALA B 241 -2.60 12.17 -19.75
N ILE B 242 -3.54 13.12 -19.68
CA ILE B 242 -3.60 14.20 -20.63
C ILE B 242 -4.35 15.36 -19.98
N CYS B 243 -3.96 16.58 -20.32
CA CYS B 243 -4.56 17.77 -19.74
C CYS B 243 -4.37 18.96 -20.68
N PHE B 244 -5.42 19.74 -20.88
CA PHE B 244 -5.31 20.93 -21.70
C PHE B 244 -4.51 22.01 -21.00
N PHE B 245 -3.74 22.76 -21.79
CA PHE B 245 -3.24 24.04 -21.33
C PHE B 245 -4.44 24.97 -21.13
N PRO B 246 -4.42 25.86 -20.14
CA PRO B 246 -5.64 26.59 -19.76
C PRO B 246 -6.28 27.46 -20.85
N ASN B 247 -5.57 27.88 -21.89
CA ASN B 247 -6.22 28.61 -22.97
C ASN B 247 -6.81 27.69 -24.03
N GLY B 248 -6.67 26.38 -23.89
CA GLY B 248 -7.29 25.46 -24.81
C GLY B 248 -6.58 25.29 -26.13
N ASN B 249 -5.44 25.93 -26.35
CA ASN B 249 -4.70 25.86 -27.60
C ASN B 249 -3.50 24.94 -27.52
N ALA B 250 -3.29 24.27 -26.39
CA ALA B 250 -2.19 23.35 -26.25
C ALA B 250 -2.60 22.33 -25.20
N PHE B 251 -1.83 21.25 -25.10
CA PHE B 251 -2.11 20.26 -24.07
C PHE B 251 -0.84 19.49 -23.77
N ALA B 252 -0.84 18.80 -22.65
CA ALA B 252 0.30 18.01 -22.23
C ALA B 252 -0.16 16.58 -22.02
N THR B 253 0.74 15.64 -22.30
CA THR B 253 0.48 14.23 -22.15
C THR B 253 1.48 13.66 -21.16
N GLY B 254 1.13 12.55 -20.55
CA GLY B 254 2.05 11.86 -19.66
C GLY B 254 2.10 10.40 -20.04
N SER B 255 3.31 9.87 -20.08
CA SER B 255 3.51 8.57 -20.68
C SER B 255 4.34 7.67 -19.77
N ASP B 256 4.25 6.37 -20.05
CA ASP B 256 5.08 5.36 -19.39
C ASP B 256 6.56 5.46 -19.73
N ASP B 257 6.95 6.22 -20.74
CA ASP B 257 8.36 6.39 -21.08
C ASP B 257 9.07 7.45 -20.23
N ALA B 258 8.45 7.88 -19.14
CA ALA B 258 8.93 8.83 -18.13
C ALA B 258 9.00 10.26 -18.63
N THR B 259 8.47 10.56 -19.82
CA THR B 259 8.47 11.90 -20.34
C THR B 259 7.06 12.45 -20.37
N CYS B 260 6.94 13.76 -20.16
CA CYS B 260 5.77 14.51 -20.58
C CYS B 260 6.13 15.28 -21.84
N ARG B 261 5.13 15.56 -22.66
CA ARG B 261 5.34 16.35 -23.85
C ARG B 261 4.20 17.33 -23.99
N LEU B 262 4.51 18.53 -24.44
CA LEU B 262 3.50 19.55 -24.69
C LEU B 262 3.26 19.61 -26.18
N PHE B 263 1.99 19.51 -26.58
CA PHE B 263 1.60 19.54 -27.97
C PHE B 263 0.71 20.75 -28.21
N ASP B 264 0.91 21.43 -29.33
CA ASP B 264 0.12 22.60 -29.66
C ASP B 264 -0.87 22.22 -30.74
N LEU B 265 -2.11 22.67 -30.58
CA LEU B 265 -3.14 22.35 -31.57
C LEU B 265 -2.88 23.07 -32.89
N ARG B 266 -2.66 24.40 -32.83
CA ARG B 266 -2.51 25.17 -34.05
C ARG B 266 -1.18 24.89 -34.76
N ALA B 267 -0.13 24.58 -34.01
CA ALA B 267 1.12 24.21 -34.67
C ALA B 267 1.17 22.73 -35.00
N ASP B 268 0.26 21.95 -34.42
CA ASP B 268 -0.03 20.55 -34.76
C ASP B 268 1.22 19.66 -34.64
N GLN B 269 1.97 19.84 -33.56
CA GLN B 269 3.20 19.10 -33.30
C GLN B 269 3.64 19.33 -31.86
N GLU B 270 4.60 18.52 -31.43
CA GLU B 270 5.23 18.63 -30.12
C GLU B 270 6.01 19.93 -29.99
N LEU B 271 5.90 20.58 -28.83
CA LEU B 271 6.64 21.80 -28.57
C LEU B 271 7.77 21.66 -27.57
N MET B 272 7.70 20.68 -26.66
CA MET B 272 8.61 20.60 -25.53
C MET B 272 8.50 19.21 -24.94
N THR B 273 9.62 18.71 -24.43
CA THR B 273 9.67 17.45 -23.70
C THR B 273 10.17 17.72 -22.30
N TYR B 274 9.57 17.07 -21.30
CA TYR B 274 9.91 17.27 -19.91
C TYR B 274 10.38 15.94 -19.35
N SER B 275 11.68 15.79 -19.13
CA SER B 275 12.23 14.52 -18.68
C SER B 275 13.60 14.74 -18.07
N HIS B 276 13.97 13.81 -17.19
CA HIS B 276 15.29 13.73 -16.60
C HIS B 276 15.80 12.31 -16.73
N ASP B 277 17.13 12.17 -16.84
CA ASP B 277 17.74 10.85 -16.86
C ASP B 277 17.53 10.10 -15.55
N ASN B 278 17.34 10.82 -14.45
CA ASN B 278 17.18 10.23 -13.13
C ASN B 278 15.72 9.91 -12.82
N ILE B 279 14.80 10.15 -13.75
CA ILE B 279 13.43 9.64 -13.64
C ILE B 279 13.17 8.68 -14.79
N ILE B 280 12.90 7.42 -14.45
CA ILE B 280 12.71 6.35 -15.42
C ILE B 280 11.34 5.69 -15.26
N CYS B 281 10.57 6.10 -14.26
CA CYS B 281 9.29 5.49 -13.96
C CYS B 281 8.16 6.13 -14.77
N GLY B 282 7.02 5.45 -14.79
CA GLY B 282 5.88 5.93 -15.53
C GLY B 282 5.22 7.14 -14.88
N ILE B 283 4.45 7.85 -15.70
CA ILE B 283 3.67 9.00 -15.26
C ILE B 283 2.21 8.57 -15.20
N THR B 284 1.54 8.91 -14.09
CA THR B 284 0.17 8.47 -13.88
C THR B 284 -0.86 9.57 -14.03
N SER B 285 -0.46 10.84 -13.99
CA SER B 285 -1.39 11.96 -13.90
C SER B 285 -0.62 13.23 -14.18
N VAL B 286 -1.27 14.17 -14.86
CA VAL B 286 -0.68 15.46 -15.18
C VAL B 286 -1.76 16.53 -15.01
N SER B 287 -1.33 17.74 -14.67
CA SER B 287 -2.23 18.88 -14.57
C SER B 287 -1.41 20.16 -14.66
N PHE B 288 -2.03 21.19 -15.20
CA PHE B 288 -1.46 22.53 -15.25
C PHE B 288 -1.98 23.36 -14.08
N SER B 289 -1.16 24.30 -13.64
CA SER B 289 -1.63 25.35 -12.75
C SER B 289 -2.52 26.33 -13.50
N LYS B 290 -3.09 27.29 -12.74
CA LYS B 290 -4.08 28.22 -13.30
C LYS B 290 -3.52 29.08 -14.41
N SER B 291 -2.30 29.56 -14.27
CA SER B 291 -1.71 30.39 -15.31
C SER B 291 -1.04 29.57 -16.40
N GLY B 292 -0.96 28.25 -16.23
CA GLY B 292 -0.28 27.42 -17.19
C GLY B 292 1.21 27.31 -17.01
N ARG B 293 1.79 28.06 -16.07
CA ARG B 293 3.24 28.09 -15.93
C ARG B 293 3.79 26.78 -15.39
N LEU B 294 3.07 26.13 -14.50
CA LEU B 294 3.56 24.89 -13.88
C LEU B 294 2.80 23.69 -14.43
N LEU B 295 3.54 22.66 -14.79
CA LEU B 295 2.99 21.37 -15.18
C LEU B 295 3.37 20.37 -14.10
N LEU B 296 2.40 19.91 -13.33
CA LEU B 296 2.63 18.97 -12.25
C LEU B 296 2.31 17.58 -12.74
N ALA B 297 3.17 16.61 -12.42
CA ALA B 297 3.02 15.27 -12.94
C ALA B 297 3.29 14.25 -11.85
N GLY B 298 2.46 13.21 -11.79
CA GLY B 298 2.59 12.19 -10.77
C GLY B 298 3.30 10.96 -11.31
N TYR B 299 4.18 10.40 -10.51
CA TYR B 299 5.11 9.37 -10.95
C TYR B 299 4.99 8.11 -10.10
N ASP B 300 5.37 6.98 -10.70
CA ASP B 300 5.45 5.71 -9.97
C ASP B 300 6.45 5.72 -8.83
N ASP B 301 7.42 6.65 -8.83
CA ASP B 301 8.44 6.74 -7.79
C ASP B 301 7.95 7.41 -6.52
N PHE B 302 6.64 7.57 -6.36
CA PHE B 302 5.86 8.02 -5.19
C PHE B 302 5.88 9.54 -5.11
N ASN B 303 6.56 10.24 -6.01
CA ASN B 303 6.70 11.68 -5.94
C ASN B 303 5.91 12.33 -7.07
N CYS B 304 5.58 13.60 -6.87
CA CYS B 304 5.08 14.46 -7.93
C CYS B 304 6.13 15.50 -8.27
N ASN B 305 6.45 15.63 -9.55
CA ASN B 305 7.42 16.62 -10.01
C ASN B 305 6.70 17.82 -10.60
N VAL B 306 7.19 19.01 -10.28
CA VAL B 306 6.62 20.25 -10.75
C VAL B 306 7.56 20.83 -11.79
N TRP B 307 7.12 20.87 -13.03
CA TRP B 307 7.92 21.36 -14.13
C TRP B 307 7.54 22.79 -14.47
N ASP B 308 8.52 23.59 -14.83
CA ASP B 308 8.26 24.89 -15.44
C ASP B 308 7.89 24.60 -16.89
N ALA B 309 6.63 24.84 -17.25
CA ALA B 309 6.12 24.45 -18.55
C ALA B 309 6.72 25.26 -19.69
N LEU B 310 7.27 26.44 -19.41
CA LEU B 310 7.85 27.24 -20.46
C LEU B 310 9.32 26.92 -20.72
N LYS B 311 10.05 26.46 -19.69
CA LYS B 311 11.48 26.26 -19.83
C LYS B 311 11.96 24.83 -19.59
N ALA B 312 11.09 23.92 -19.16
CA ALA B 312 11.29 22.48 -19.02
C ALA B 312 12.21 22.10 -17.88
N ASP B 313 12.74 23.05 -17.12
CA ASP B 313 13.51 22.70 -15.93
C ASP B 313 12.55 22.28 -14.83
N ARG B 314 12.96 21.26 -14.07
CA ARG B 314 12.18 20.81 -12.92
C ARG B 314 12.29 21.81 -11.80
N ALA B 315 11.15 22.23 -11.26
CA ALA B 315 11.12 23.25 -10.22
C ALA B 315 11.02 22.72 -8.81
N GLY B 316 10.49 21.52 -8.60
CA GLY B 316 10.26 21.04 -7.25
C GLY B 316 9.73 19.63 -7.27
N VAL B 317 9.65 19.06 -6.07
CA VAL B 317 9.17 17.70 -5.86
C VAL B 317 8.17 17.73 -4.72
N LEU B 318 7.12 16.94 -4.84
CA LEU B 318 6.18 16.73 -3.75
C LEU B 318 6.31 15.28 -3.31
N ALA B 319 6.95 15.06 -2.16
CA ALA B 319 7.25 13.72 -1.68
C ALA B 319 6.56 13.53 -0.34
N GLY B 320 5.37 12.95 -0.38
CA GLY B 320 4.63 12.77 0.86
C GLY B 320 3.84 11.49 0.91
N HIS B 321 4.08 10.57 -0.02
CA HIS B 321 3.31 9.35 -0.08
C HIS B 321 4.22 8.12 -0.02
N ASP B 322 3.63 7.01 0.42
CA ASP B 322 4.33 5.76 0.59
C ASP B 322 4.02 4.78 -0.53
N ASN B 323 3.38 5.26 -1.60
CA ASN B 323 2.96 4.45 -2.73
C ASN B 323 2.68 5.41 -3.88
N ARG B 324 2.37 4.84 -5.06
CA ARG B 324 2.13 5.61 -6.28
C ARG B 324 1.13 6.74 -6.10
N VAL B 325 1.46 7.90 -6.62
CA VAL B 325 0.47 8.94 -6.83
C VAL B 325 -0.36 8.52 -8.05
N SER B 326 -1.64 8.23 -7.83
CA SER B 326 -2.47 7.71 -8.90
C SER B 326 -3.34 8.77 -9.53
N CYS B 327 -3.51 9.92 -8.88
CA CYS B 327 -4.39 10.96 -9.37
C CYS B 327 -3.98 12.27 -8.73
N LEU B 328 -4.25 13.36 -9.43
CA LEU B 328 -4.06 14.68 -8.88
C LEU B 328 -4.94 15.65 -9.66
N GLY B 329 -5.12 16.83 -9.09
CA GLY B 329 -5.89 17.85 -9.74
C GLY B 329 -5.66 19.20 -9.10
N VAL B 330 -5.74 20.25 -9.90
CA VAL B 330 -5.53 21.61 -9.42
C VAL B 330 -6.90 22.28 -9.38
N THR B 331 -7.16 23.02 -8.31
CA THR B 331 -8.44 23.70 -8.10
C THR B 331 -8.72 24.68 -9.21
N ASP B 332 -10.02 24.96 -9.39
CA ASP B 332 -10.46 25.90 -10.42
C ASP B 332 -9.93 27.29 -10.18
N ASP B 333 -9.83 27.71 -8.91
CA ASP B 333 -9.23 28.99 -8.60
C ASP B 333 -7.71 28.94 -8.50
N GLY B 334 -7.11 27.77 -8.66
CA GLY B 334 -5.66 27.67 -8.65
C GLY B 334 -5.02 27.63 -7.30
N MET B 335 -5.83 27.62 -6.23
CA MET B 335 -5.30 27.83 -4.89
C MET B 335 -4.56 26.63 -4.34
N ALA B 336 -4.87 25.42 -4.80
CA ALA B 336 -4.31 24.23 -4.16
C ALA B 336 -4.14 23.11 -5.17
N VAL B 337 -3.26 22.17 -4.84
CA VAL B 337 -3.14 20.90 -5.54
C VAL B 337 -3.49 19.81 -4.57
N ALA B 338 -4.34 18.88 -5.00
CA ALA B 338 -4.59 17.66 -4.24
C ALA B 338 -3.89 16.52 -4.94
N THR B 339 -3.31 15.62 -4.18
CA THR B 339 -2.76 14.37 -4.71
C THR B 339 -3.40 13.21 -3.98
N GLY B 340 -3.79 12.19 -4.73
CA GLY B 340 -4.34 10.98 -4.16
C GLY B 340 -3.40 9.84 -4.49
N SER B 341 -3.40 8.83 -3.63
CA SER B 341 -2.35 7.83 -3.70
C SER B 341 -2.89 6.46 -3.37
N TRP B 342 -2.19 5.44 -3.89
CA TRP B 342 -2.46 4.06 -3.54
C TRP B 342 -2.30 3.75 -2.06
N ASP B 343 -1.61 4.58 -1.29
CA ASP B 343 -1.43 4.35 0.14
C ASP B 343 -2.64 4.76 0.99
N SER B 344 -3.76 5.09 0.35
CA SER B 344 -5.10 5.41 0.86
C SER B 344 -5.28 6.82 1.39
N PHE B 345 -4.32 7.71 1.22
CA PHE B 345 -4.48 9.07 1.71
C PHE B 345 -4.53 10.06 0.56
N LEU B 346 -5.25 11.15 0.78
CA LEU B 346 -5.15 12.33 -0.05
C LEU B 346 -4.47 13.44 0.73
N LYS B 347 -3.71 14.25 0.03
CA LYS B 347 -3.07 15.38 0.66
C LYS B 347 -3.40 16.63 -0.13
N ILE B 348 -3.64 17.74 0.56
CA ILE B 348 -3.87 19.02 -0.08
C ILE B 348 -2.61 19.86 0.11
N TRP B 349 -2.13 20.45 -0.97
CA TRP B 349 -0.88 21.17 -0.96
C TRP B 349 -1.10 22.58 -1.48
N ASN B 350 -0.36 23.54 -0.93
CA ASN B 350 -0.14 24.84 -1.59
C ASN B 350 1.09 25.55 -1.08
N SER C 8 -11.09 -6.45 -46.97
CA SER C 8 -10.27 -5.86 -45.91
C SER C 8 -9.84 -4.45 -46.27
N ILE C 9 -9.74 -4.19 -47.58
CA ILE C 9 -9.32 -2.87 -48.06
C ILE C 9 -10.38 -1.81 -47.78
N ALA C 10 -11.67 -2.12 -47.99
CA ALA C 10 -12.74 -1.14 -47.84
C ALA C 10 -12.88 -0.62 -46.41
N GLN C 11 -12.76 -1.51 -45.42
CA GLN C 11 -12.76 -1.10 -44.01
C GLN C 11 -11.49 -0.29 -43.69
N ALA C 12 -10.36 -0.72 -44.21
CA ALA C 12 -9.09 -0.02 -44.00
C ALA C 12 -9.08 1.36 -44.65
N ARG C 13 -9.69 1.48 -45.84
CA ARG C 13 -9.61 2.72 -46.63
C ARG C 13 -10.19 3.94 -45.91
N LYS C 14 -11.18 3.75 -45.04
CA LYS C 14 -11.79 4.86 -44.31
C LYS C 14 -10.83 5.68 -43.47
N LEU C 15 -9.75 5.08 -42.98
CA LEU C 15 -8.75 5.88 -42.26
C LEU C 15 -8.15 6.97 -43.15
N VAL C 16 -7.98 6.70 -44.45
CA VAL C 16 -7.36 7.65 -45.38
C VAL C 16 -8.15 8.96 -45.47
N GLU C 17 -9.50 8.89 -45.53
CA GLU C 17 -10.30 10.10 -45.58
C GLU C 17 -10.13 10.95 -44.33
N GLN C 18 -9.96 10.31 -43.16
CA GLN C 18 -9.61 11.04 -41.95
C GLN C 18 -8.25 11.70 -42.11
N LEU C 19 -7.28 10.90 -42.59
CA LEU C 19 -5.94 11.43 -42.87
C LEU C 19 -6.00 12.56 -43.91
N LYS C 20 -6.87 12.43 -44.92
CA LYS C 20 -7.15 13.53 -45.84
C LYS C 20 -7.62 14.79 -45.12
N MET C 21 -8.53 14.63 -44.15
CA MET C 21 -8.99 15.76 -43.34
C MET C 21 -7.84 16.40 -42.57
N GLU C 22 -6.99 15.58 -41.94
CA GLU C 22 -5.82 16.10 -41.24
C GLU C 22 -4.82 16.73 -42.19
N ALA C 23 -4.71 16.22 -43.41
CA ALA C 23 -3.72 16.73 -44.36
C ALA C 23 -4.00 18.15 -44.85
N ASN C 24 -5.26 18.54 -44.96
CA ASN C 24 -5.57 19.81 -45.60
C ASN C 24 -5.66 21.00 -44.66
N ILE C 25 -5.41 20.81 -43.37
CA ILE C 25 -5.58 21.90 -42.43
C ILE C 25 -4.39 22.84 -42.51
N ASP C 26 -4.59 24.10 -42.17
CA ASP C 26 -3.50 25.06 -42.12
C ASP C 26 -2.83 25.03 -40.75
N ARG C 27 -1.50 25.01 -40.75
CA ARG C 27 -0.73 24.98 -39.53
C ARG C 27 -0.02 26.30 -39.34
N ILE C 28 0.11 26.68 -38.09
CA ILE C 28 0.70 27.96 -37.73
C ILE C 28 2.14 27.68 -37.33
N LYS C 29 3.00 28.68 -37.48
CA LYS C 29 4.40 28.50 -37.19
C LYS C 29 4.60 28.49 -35.68
N VAL C 30 5.59 27.70 -35.24
CA VAL C 30 5.88 27.54 -33.81
C VAL C 30 6.19 28.88 -33.16
N SER C 31 6.86 29.78 -33.89
CA SER C 31 7.20 31.11 -33.38
C SER C 31 5.96 31.90 -32.98
N LYS C 32 4.89 31.84 -33.78
CA LYS C 32 3.63 32.44 -33.33
C LYS C 32 2.95 31.59 -32.26
N ALA C 33 2.96 30.26 -32.42
CA ALA C 33 2.30 29.38 -31.47
C ALA C 33 2.94 29.43 -30.09
N ALA C 34 4.27 29.38 -30.02
CA ALA C 34 4.96 29.44 -28.73
C ALA C 34 4.83 30.81 -28.07
N ALA C 35 4.81 31.88 -28.88
CA ALA C 35 4.64 33.22 -28.33
C ALA C 35 3.30 33.36 -27.62
N ASP C 36 2.25 32.74 -28.14
CA ASP C 36 0.94 32.81 -27.51
C ASP C 36 0.91 32.14 -26.14
N LEU C 37 1.64 31.03 -25.98
CA LEU C 37 1.66 30.34 -24.70
C LEU C 37 2.38 31.15 -23.63
N MET C 38 3.56 31.68 -23.96
CA MET C 38 4.26 32.55 -23.02
C MET C 38 3.46 33.83 -22.74
N ALA C 39 2.75 34.35 -23.74
CA ALA C 39 1.90 35.53 -23.53
C ALA C 39 0.77 35.25 -22.55
N TYR C 40 0.22 34.03 -22.57
CA TYR C 40 -0.80 33.65 -21.61
C TYR C 40 -0.22 33.56 -20.20
N CYS C 41 0.93 32.89 -20.07
CA CYS C 41 1.57 32.71 -18.76
C CYS C 41 1.94 34.03 -18.10
N GLU C 42 2.52 34.97 -18.85
CA GLU C 42 2.88 36.26 -18.28
C GLU C 42 1.66 37.07 -17.88
N ALA C 43 0.58 37.03 -18.68
CA ALA C 43 -0.60 37.83 -18.39
C ALA C 43 -1.36 37.36 -17.17
N HIS C 44 -1.25 36.07 -16.82
CA HIS C 44 -2.01 35.48 -15.73
C HIS C 44 -1.15 35.13 -14.53
N ALA C 45 0.08 35.62 -14.48
CA ALA C 45 0.98 35.36 -13.36
C ALA C 45 0.39 35.81 -12.04
N LYS C 46 -0.38 36.90 -12.03
CA LYS C 46 -0.90 37.44 -10.78
C LYS C 46 -2.09 36.64 -10.24
N GLU C 47 -2.76 35.86 -11.08
CA GLU C 47 -3.88 35.03 -10.64
C GLU C 47 -3.46 33.61 -10.32
N ASP C 48 -2.15 33.33 -10.27
CA ASP C 48 -1.65 32.00 -9.98
C ASP C 48 -1.13 31.97 -8.55
N PRO C 49 -1.87 31.43 -7.58
CA PRO C 49 -1.36 31.38 -6.20
C PRO C 49 -0.23 30.39 -6.00
N LEU C 50 -0.04 29.44 -6.93
CA LEU C 50 1.05 28.49 -6.81
C LEU C 50 2.36 29.04 -7.34
N LEU C 51 2.30 29.92 -8.35
CA LEU C 51 3.50 30.51 -8.89
C LEU C 51 4.09 31.53 -7.93
N THR C 52 3.26 32.47 -7.48
CA THR C 52 3.67 33.55 -6.59
C THR C 52 2.91 33.39 -5.29
N PRO C 53 3.55 32.81 -4.26
CA PRO C 53 2.82 32.38 -3.05
C PRO C 53 2.08 33.51 -2.35
N VAL C 54 0.97 33.14 -1.73
CA VAL C 54 0.00 34.09 -1.20
C VAL C 54 0.35 34.24 0.28
N PRO C 55 -0.01 35.35 0.93
CA PRO C 55 0.18 35.44 2.38
C PRO C 55 -0.73 34.46 3.12
N ALA C 56 -0.28 34.10 4.32
CA ALA C 56 -0.96 33.14 5.20
C ALA C 56 -2.44 33.46 5.40
N SER C 57 -2.75 34.73 5.70
CA SER C 57 -4.12 35.14 5.98
C SER C 57 -5.04 34.97 4.77
N GLU C 58 -4.56 35.31 3.57
CA GLU C 58 -5.35 35.13 2.37
C GLU C 58 -5.60 33.66 2.06
N ASN C 59 -4.65 32.79 2.37
CA ASN C 59 -4.71 31.36 2.05
C ASN C 59 -5.85 30.71 2.83
N PRO C 60 -6.83 30.08 2.17
CA PRO C 60 -7.97 29.50 2.90
C PRO C 60 -7.62 28.27 3.72
N PHE C 61 -6.74 27.40 3.21
CA PHE C 61 -6.44 26.15 3.91
C PHE C 61 -5.70 26.38 5.22
N ARG C 62 -4.75 27.30 5.25
CA ARG C 62 -3.99 27.59 6.47
C ARG C 62 -3.98 29.10 6.69
N GLU C 63 -5.06 29.63 7.26
CA GLU C 63 -5.07 31.06 7.59
C GLU C 63 -4.40 31.28 8.94
N ILE D 60 36.50 4.54 41.30
CA ILE D 60 36.34 4.52 42.75
C ILE D 60 36.74 3.11 43.18
N SER D 61 36.64 2.19 42.23
CA SER D 61 37.04 0.80 42.39
C SER D 61 37.18 0.21 41.01
N ALA D 62 38.07 -0.78 40.88
CA ALA D 62 38.35 -1.37 39.57
C ALA D 62 37.13 -2.06 38.99
N PHE D 63 36.46 -2.89 39.79
CA PHE D 63 35.27 -3.61 39.31
C PHE D 63 34.13 -2.66 39.02
N GLN D 64 33.90 -1.67 39.90
CA GLN D 64 32.81 -0.72 39.70
C GLN D 64 32.99 0.10 38.43
N ALA D 65 34.23 0.53 38.16
CA ALA D 65 34.50 1.32 36.96
C ALA D 65 34.21 0.50 35.72
N ALA D 66 34.58 -0.78 35.73
CA ALA D 66 34.30 -1.67 34.61
C ALA D 66 32.81 -1.82 34.40
N TYR D 67 32.04 -1.93 35.48
CA TYR D 67 30.59 -2.07 35.38
C TYR D 67 29.96 -0.84 34.74
N ILE D 68 30.46 0.36 35.09
CA ILE D 68 29.92 1.60 34.54
C ILE D 68 30.08 1.62 33.04
N GLY D 69 31.31 1.40 32.57
CA GLY D 69 31.60 1.41 31.14
C GLY D 69 30.73 0.46 30.35
N ILE D 70 30.47 -0.73 30.90
CA ILE D 70 29.56 -1.67 30.27
C ILE D 70 28.16 -1.09 30.23
N GLU D 71 27.71 -0.47 31.34
CA GLU D 71 26.38 0.13 31.38
C GLU D 71 26.23 1.26 30.38
N VAL D 72 27.26 2.10 30.25
CA VAL D 72 27.23 3.23 29.32
C VAL D 72 27.04 2.74 27.89
N LEU D 73 27.78 1.71 27.48
CA LEU D 73 27.62 1.19 26.13
C LEU D 73 26.30 0.43 25.96
N ILE D 74 25.77 -0.19 27.02
CA ILE D 74 24.46 -0.83 26.93
C ILE D 74 23.39 0.22 26.68
N ALA D 75 23.48 1.34 27.40
CA ALA D 75 22.56 2.46 27.19
C ALA D 75 22.68 2.99 25.77
N LEU D 76 23.91 3.29 25.34
CA LEU D 76 24.17 3.88 24.03
C LEU D 76 23.93 2.92 22.86
N VAL D 77 23.60 1.66 23.12
CA VAL D 77 23.07 0.76 22.10
C VAL D 77 21.58 0.50 22.30
N SER D 78 21.05 0.73 23.51
CA SER D 78 19.63 0.51 23.74
C SER D 78 18.80 1.69 23.28
N VAL D 79 19.27 2.91 23.54
CA VAL D 79 18.49 4.08 23.12
C VAL D 79 18.46 4.29 21.61
N PRO D 80 19.53 4.13 20.78
CA PRO D 80 19.33 4.40 19.35
C PRO D 80 18.51 3.35 18.62
N GLY D 81 18.75 2.07 18.90
CA GLY D 81 18.01 1.02 18.22
C GLY D 81 16.52 1.05 18.51
N ASN D 82 16.15 1.31 19.76
CA ASN D 82 14.75 1.33 20.13
C ASN D 82 14.02 2.57 19.61
N VAL D 83 14.67 3.75 19.62
CA VAL D 83 14.01 4.92 19.01
C VAL D 83 13.89 4.71 17.50
N LEU D 84 14.79 3.94 16.90
CA LEU D 84 14.70 3.67 15.48
C LEU D 84 13.54 2.73 15.17
N VAL D 85 13.20 1.87 16.13
CA VAL D 85 11.98 1.06 16.02
C VAL D 85 10.76 1.96 16.06
N ILE D 86 10.73 2.89 17.03
CA ILE D 86 9.63 3.84 17.17
C ILE D 86 9.54 4.76 15.98
N TRP D 87 10.70 5.19 15.46
CA TRP D 87 10.73 6.03 14.26
C TRP D 87 10.14 5.33 13.06
N ALA D 88 10.61 4.12 12.76
CA ALA D 88 10.10 3.34 11.63
C ALA D 88 8.63 2.97 11.78
N VAL D 89 8.12 2.89 13.01
CA VAL D 89 6.68 2.66 13.20
C VAL D 89 5.91 3.93 12.86
N LYS D 90 6.43 5.10 13.24
CA LYS D 90 5.65 6.32 13.11
C LYS D 90 5.70 6.89 11.70
N VAL D 91 6.79 6.66 10.96
CA VAL D 91 6.88 7.19 9.61
C VAL D 91 6.11 6.35 8.59
N ASN D 92 5.88 5.08 8.85
CA ASN D 92 5.16 4.20 7.94
C ASN D 92 3.76 3.95 8.49
N GLN D 93 2.81 3.74 7.59
CA GLN D 93 1.44 3.45 7.99
C GLN D 93 1.03 2.01 7.72
N ALA D 94 1.93 1.18 7.19
CA ALA D 94 1.69 -0.24 7.09
C ALA D 94 2.06 -0.99 8.36
N LEU D 95 2.47 -0.28 9.41
CA LEU D 95 2.85 -0.90 10.67
C LEU D 95 1.96 -0.38 11.79
N ARG D 96 0.65 -0.36 11.56
CA ARG D 96 -0.32 0.13 12.52
C ARG D 96 -1.38 -0.93 12.82
N ASP D 97 -1.02 -2.20 12.72
CA ASP D 97 -1.92 -3.28 13.10
C ASP D 97 -1.64 -3.70 14.53
N ALA D 98 -2.27 -4.81 14.93
CA ALA D 98 -2.27 -5.26 16.32
C ALA D 98 -0.88 -5.61 16.83
N THR D 99 -0.10 -6.37 16.06
CA THR D 99 1.21 -6.80 16.54
C THR D 99 2.24 -5.70 16.61
N PHE D 100 2.12 -4.63 15.84
CA PHE D 100 3.10 -3.56 15.94
C PHE D 100 2.80 -2.62 17.10
N CYS D 101 1.55 -2.61 17.57
CA CYS D 101 1.24 -1.92 18.82
C CYS D 101 2.02 -2.52 19.98
N PHE D 102 2.04 -3.84 20.09
CA PHE D 102 2.80 -4.51 21.15
C PHE D 102 4.29 -4.28 21.02
N ILE D 103 4.80 -4.21 19.78
CA ILE D 103 6.23 -4.02 19.57
C ILE D 103 6.67 -2.61 19.94
N VAL D 104 5.86 -1.59 19.61
CA VAL D 104 6.24 -0.23 19.98
C VAL D 104 6.02 -0.02 21.47
N SER D 105 5.13 -0.79 22.09
CA SER D 105 5.02 -0.82 23.54
C SER D 105 6.29 -1.34 24.18
N LEU D 106 6.84 -2.43 23.64
CA LEU D 106 8.13 -2.93 24.07
C LEU D 106 9.24 -1.92 23.81
N ALA D 107 9.17 -1.23 22.67
CA ALA D 107 10.18 -0.27 22.26
C ALA D 107 10.26 0.92 23.20
N VAL D 108 9.10 1.47 23.59
CA VAL D 108 9.12 2.62 24.50
C VAL D 108 9.49 2.18 25.90
N ALA D 109 9.24 0.92 26.25
CA ALA D 109 9.71 0.38 27.52
C ALA D 109 11.23 0.30 27.54
N ASP D 110 11.83 -0.27 26.50
CA ASP D 110 13.27 -0.48 26.47
C ASP D 110 14.07 0.79 26.18
N VAL D 111 13.51 1.75 25.47
CA VAL D 111 14.27 2.99 25.30
C VAL D 111 14.26 3.77 26.60
N ALA D 112 13.18 3.68 27.38
CA ALA D 112 13.13 4.26 28.72
C ALA D 112 14.17 3.63 29.63
N VAL D 113 14.40 2.32 29.49
CA VAL D 113 15.52 1.67 30.17
C VAL D 113 16.83 2.35 29.84
N GLY D 114 17.19 2.41 28.55
CA GLY D 114 18.42 3.04 28.14
C GLY D 114 18.51 4.52 28.42
N ALA D 115 17.35 5.18 28.63
CA ALA D 115 17.30 6.61 28.90
C ALA D 115 17.44 6.88 30.39
N LEU D 116 16.51 6.36 31.20
CA LEU D 116 16.48 6.67 32.62
C LEU D 116 17.09 5.60 33.51
N VAL D 117 16.84 4.31 33.25
CA VAL D 117 17.26 3.23 34.17
C VAL D 117 18.78 3.17 34.29
N ILE D 118 19.48 3.24 33.15
CA ILE D 118 20.95 3.12 33.18
C ILE D 118 21.63 4.25 33.94
N PRO D 119 21.29 5.55 33.75
CA PRO D 119 21.91 6.56 34.62
C PRO D 119 21.55 6.42 36.08
N LEU D 120 20.29 6.08 36.38
CA LEU D 120 19.88 5.87 37.76
C LEU D 120 20.62 4.71 38.39
N ALA D 121 20.80 3.61 37.64
CA ALA D 121 21.53 2.46 38.15
C ALA D 121 22.99 2.80 38.45
N ILE D 122 23.62 3.58 37.56
CA ILE D 122 24.99 4.01 37.79
C ILE D 122 25.10 4.89 39.03
N LEU D 123 24.16 5.81 39.22
CA LEU D 123 24.19 6.70 40.38
C LEU D 123 24.06 5.93 41.69
N ILE D 124 23.15 4.95 41.74
CA ILE D 124 22.93 4.14 42.93
C ILE D 124 24.18 3.36 43.30
N ASN D 125 24.89 2.82 42.31
CA ASN D 125 26.10 2.05 42.57
C ASN D 125 27.18 2.91 43.22
N ILE D 126 27.30 4.17 42.80
CA ILE D 126 28.33 5.09 43.34
C ILE D 126 28.03 5.52 44.77
N GLY D 127 26.83 5.23 45.27
CA GLY D 127 26.41 5.58 46.61
C GLY D 127 26.53 6.98 47.20
N PRO D 128 25.98 8.02 46.56
CA PRO D 128 25.97 9.34 47.23
C PRO D 128 25.05 9.32 48.43
N GLN D 129 25.46 9.98 49.50
CA GLN D 129 24.67 10.02 50.72
C GLN D 129 23.37 10.81 50.54
N THR D 130 22.28 10.19 50.94
CA THR D 130 20.94 10.62 50.53
C THR D 130 20.00 10.34 51.68
N TYR D 131 18.99 11.19 51.87
CA TYR D 131 17.91 10.86 52.79
C TYR D 131 17.12 9.65 52.28
N PHE D 132 16.38 9.01 53.19
CA PHE D 132 15.78 7.73 52.88
C PHE D 132 14.64 7.85 51.90
N HIS D 133 13.72 8.79 52.13
CA HIS D 133 12.59 8.90 51.22
C HIS D 133 13.01 9.47 49.87
N THR D 134 14.10 10.22 49.82
CA THR D 134 14.64 10.64 48.53
C THR D 134 15.20 9.46 47.74
N CYS D 135 15.86 8.52 48.42
CA CYS D 135 16.39 7.35 47.74
C CYS D 135 15.29 6.39 47.29
N LEU D 136 14.13 6.38 47.95
CA LEU D 136 13.04 5.56 47.42
C LEU D 136 12.56 6.10 46.07
N MET D 137 12.42 7.43 45.92
CA MET D 137 12.04 7.92 44.60
C MET D 137 13.15 7.80 43.56
N VAL D 138 14.40 7.59 43.97
CA VAL D 138 15.41 7.25 42.97
C VAL D 138 15.38 5.77 42.60
N ALA D 139 15.24 4.86 43.59
CA ALA D 139 15.40 3.43 43.34
C ALA D 139 14.17 2.80 42.70
N CYS D 140 12.99 3.33 42.93
CA CYS D 140 11.78 2.73 42.39
C CYS D 140 11.56 2.92 40.89
N PRO D 141 11.99 4.00 40.19
CA PRO D 141 11.93 3.98 38.72
C PRO D 141 12.72 2.87 38.05
N VAL D 142 13.71 2.29 38.72
CA VAL D 142 14.41 1.14 38.15
C VAL D 142 13.48 -0.06 38.14
N LEU D 143 12.72 -0.25 39.22
CA LEU D 143 11.74 -1.33 39.31
C LEU D 143 10.59 -1.18 38.31
N ILE D 144 10.07 0.03 38.13
CA ILE D 144 8.90 0.23 37.27
C ILE D 144 9.24 -0.06 35.81
N LEU D 145 10.30 0.55 35.31
CA LEU D 145 10.63 0.47 33.89
C LEU D 145 11.09 -0.92 33.47
N THR D 146 11.93 -1.58 34.27
CA THR D 146 12.38 -2.93 33.94
C THR D 146 11.24 -3.93 33.93
N GLN D 147 10.32 -3.83 34.88
CA GLN D 147 9.14 -4.69 34.91
C GLN D 147 8.29 -4.52 33.66
N SER D 148 8.15 -3.28 33.18
CA SER D 148 7.36 -2.98 31.99
C SER D 148 7.92 -3.68 30.76
N SER D 149 9.25 -3.81 30.69
CA SER D 149 9.88 -4.57 29.62
C SER D 149 9.44 -6.03 29.63
N ILE D 150 9.42 -6.66 30.81
CA ILE D 150 9.04 -8.06 30.95
C ILE D 150 7.60 -8.30 30.51
N LEU D 151 6.69 -7.44 30.96
CA LEU D 151 5.28 -7.62 30.64
C LEU D 151 4.99 -7.35 29.17
N ALA D 152 5.74 -6.44 28.55
CA ALA D 152 5.61 -6.21 27.12
C ALA D 152 6.02 -7.44 26.32
N LEU D 153 7.10 -8.11 26.74
CA LEU D 153 7.53 -9.36 26.12
C LEU D 153 6.47 -10.43 26.21
N LEU D 154 5.83 -10.54 27.38
CA LEU D 154 4.74 -11.51 27.56
C LEU D 154 3.58 -11.21 26.62
N ALA D 155 3.27 -9.93 26.41
CA ALA D 155 2.14 -9.55 25.56
C ALA D 155 2.38 -9.90 24.10
N ILE D 156 3.62 -9.79 23.61
CA ILE D 156 3.96 -10.22 22.26
C ILE D 156 3.70 -11.72 22.08
N ALA D 157 4.08 -12.51 23.08
CA ALA D 157 3.94 -13.96 23.00
C ALA D 157 2.48 -14.40 22.92
N VAL D 158 1.59 -13.75 23.68
CA VAL D 158 0.17 -14.06 23.58
C VAL D 158 -0.37 -13.67 22.22
N ASP D 159 0.09 -12.53 21.68
CA ASP D 159 -0.25 -12.13 20.32
C ASP D 159 0.21 -13.15 19.30
N ARG D 160 1.46 -13.60 19.39
CA ARG D 160 1.96 -14.61 18.45
C ARG D 160 1.36 -15.98 18.68
N TYR D 161 0.74 -16.22 19.83
CA TYR D 161 0.06 -17.48 20.01
C TYR D 161 -1.29 -17.46 19.32
N LEU D 162 -2.00 -16.34 19.43
CA LEU D 162 -3.31 -16.19 18.79
C LEU D 162 -3.23 -16.21 17.27
N ARG D 163 -2.09 -15.87 16.68
CA ARG D 163 -1.95 -15.93 15.23
C ARG D 163 -2.02 -17.35 14.67
N VAL D 164 -1.70 -18.35 15.49
CA VAL D 164 -1.71 -19.74 15.04
C VAL D 164 -2.81 -20.56 15.69
N LYS D 165 -3.35 -20.14 16.84
CA LYS D 165 -4.46 -20.88 17.42
C LYS D 165 -5.77 -20.53 16.73
N ILE D 166 -6.01 -19.24 16.48
CA ILE D 166 -7.21 -18.81 15.77
C ILE D 166 -6.81 -17.96 14.57
N PRO D 167 -6.26 -18.56 13.52
CA PRO D 167 -5.68 -17.75 12.44
C PRO D 167 -6.68 -17.14 11.49
N LEU D 168 -7.89 -17.71 11.36
CA LEU D 168 -8.87 -17.17 10.44
C LEU D 168 -9.57 -15.96 11.03
N ARG D 169 -10.02 -16.08 12.28
CA ARG D 169 -10.68 -14.98 12.97
C ARG D 169 -9.72 -14.23 13.88
N TYR D 170 -8.46 -14.11 13.49
CA TYR D 170 -7.50 -13.36 14.29
C TYR D 170 -7.75 -11.87 14.20
N LYS D 171 -7.92 -11.34 12.97
CA LYS D 171 -8.05 -9.91 12.76
C LYS D 171 -9.30 -9.35 13.42
N MET D 172 -10.37 -10.14 13.49
CA MET D 172 -11.61 -9.66 14.08
C MET D 172 -11.61 -9.78 15.58
N VAL D 173 -10.75 -10.60 16.17
CA VAL D 173 -10.77 -10.74 17.62
C VAL D 173 -9.79 -9.79 18.30
N VAL D 174 -8.51 -9.84 17.95
CA VAL D 174 -7.59 -8.86 18.54
C VAL D 174 -7.46 -7.62 17.66
N THR D 175 -8.48 -6.80 17.70
CA THR D 175 -8.53 -5.57 16.92
C THR D 175 -7.67 -4.52 17.62
N PRO D 176 -6.96 -3.64 16.85
CA PRO D 176 -6.02 -2.67 17.47
C PRO D 176 -6.56 -1.79 18.60
N ARG D 177 -7.88 -1.66 18.69
CA ARG D 177 -8.48 -1.02 19.87
C ARG D 177 -8.26 -1.88 21.11
N ARG D 178 -8.54 -3.18 21.02
CA ARG D 178 -8.26 -4.11 22.10
C ARG D 178 -6.78 -4.27 22.39
N ALA D 179 -5.93 -4.00 21.41
CA ALA D 179 -4.49 -4.01 21.67
C ALA D 179 -4.11 -2.96 22.70
N ALA D 180 -4.65 -1.74 22.56
CA ALA D 180 -4.31 -0.64 23.44
C ALA D 180 -4.75 -0.85 24.89
N VAL D 181 -5.89 -1.50 25.12
CA VAL D 181 -6.30 -1.77 26.49
C VAL D 181 -5.36 -2.77 27.15
N ALA D 182 -4.86 -3.75 26.40
CA ALA D 182 -3.92 -4.71 26.94
C ALA D 182 -2.55 -4.07 27.18
N ILE D 183 -2.13 -3.16 26.29
CA ILE D 183 -0.88 -2.43 26.49
C ILE D 183 -0.95 -1.54 27.72
N ALA D 184 -2.04 -0.80 27.87
CA ALA D 184 -2.24 0.04 29.04
C ALA D 184 -2.35 -0.80 30.31
N GLY D 185 -2.94 -1.98 30.19
CA GLY D 185 -2.99 -2.91 31.31
C GLY D 185 -1.60 -3.35 31.76
N CYS D 186 -0.72 -3.64 30.80
CA CYS D 186 0.67 -3.99 31.12
C CYS D 186 1.37 -2.88 31.88
N TRP D 187 1.16 -1.63 31.46
CA TRP D 187 1.90 -0.51 32.05
C TRP D 187 1.40 -0.16 33.44
N ILE D 188 0.08 -0.23 33.68
CA ILE D 188 -0.43 0.04 35.02
C ILE D 188 0.00 -1.05 35.98
N LEU D 189 0.08 -2.31 35.52
CA LEU D 189 0.66 -3.35 36.36
C LEU D 189 2.15 -3.16 36.56
N SER D 190 2.84 -2.54 35.61
CA SER D 190 4.24 -2.23 35.81
C SER D 190 4.44 -1.18 36.89
N PHE D 191 3.56 -0.18 36.94
CA PHE D 191 3.71 0.90 37.92
C PHE D 191 3.41 0.46 39.34
N VAL D 192 2.38 -0.37 39.55
CA VAL D 192 2.06 -0.87 40.89
C VAL D 192 3.23 -1.65 41.50
N VAL D 193 3.81 -2.61 40.76
CA VAL D 193 4.92 -3.41 41.27
C VAL D 193 6.15 -2.56 41.58
N GLY D 194 6.32 -1.46 40.87
CA GLY D 194 7.44 -0.58 41.12
C GLY D 194 7.23 0.34 42.31
N LEU D 195 6.00 0.80 42.51
CA LEU D 195 5.67 1.72 43.59
C LEU D 195 5.35 1.03 44.90
N THR D 196 5.28 -0.31 44.91
CA THR D 196 5.10 -1.06 46.15
C THR D 196 6.16 -0.78 47.22
N PRO D 197 7.47 -0.59 46.93
CA PRO D 197 8.38 -0.16 48.00
C PRO D 197 8.02 1.17 48.66
N MET D 198 7.51 2.14 47.90
CA MET D 198 7.17 3.43 48.49
C MET D 198 5.97 3.36 49.41
N PHE D 199 5.09 2.36 49.22
CA PHE D 199 3.91 2.22 50.05
C PHE D 199 4.19 1.61 51.41
N GLY D 200 5.42 1.25 51.72
CA GLY D 200 5.71 0.75 53.05
C GLY D 200 6.38 -0.61 53.11
N TRP D 201 6.68 -1.18 51.96
CA TRP D 201 7.37 -2.48 51.90
C TRP D 201 8.83 -2.19 51.62
N ASN D 202 9.53 -1.72 52.65
CA ASN D 202 10.93 -1.37 52.49
C ASN D 202 11.63 -1.48 53.83
N ASN D 203 12.88 -1.03 53.86
CA ASN D 203 13.73 -1.14 55.04
C ASN D 203 13.59 0.06 55.97
N LEU D 204 12.45 0.76 55.93
CA LEU D 204 12.21 1.84 56.87
C LEU D 204 12.27 1.35 58.31
N SER D 205 11.74 0.15 58.55
CA SER D 205 11.80 -0.49 59.87
C SER D 205 13.24 -0.70 60.32
N ALA D 206 14.02 -1.43 59.53
CA ALA D 206 15.39 -1.80 59.90
C ALA D 206 16.33 -0.61 60.04
N VAL D 207 16.20 0.39 59.14
CA VAL D 207 17.16 1.50 59.14
C VAL D 207 16.97 2.43 60.34
N GLU D 208 15.73 2.60 60.82
CA GLU D 208 15.51 3.51 61.93
C GLU D 208 16.02 2.98 63.25
N ARG D 209 16.09 1.66 63.40
CA ARG D 209 16.74 1.08 64.57
C ARG D 209 18.24 1.35 64.56
N ALA D 210 18.89 1.16 63.41
CA ALA D 210 20.33 1.41 63.30
C ALA D 210 20.64 2.88 63.48
N TRP D 211 19.80 3.76 62.93
CA TRP D 211 19.96 5.20 63.07
C TRP D 211 19.88 5.62 64.54
N ALA D 212 18.85 5.15 65.25
CA ALA D 212 18.65 5.52 66.64
C ALA D 212 19.77 5.05 67.56
N ALA D 213 20.41 3.92 67.22
CA ALA D 213 21.46 3.36 68.05
C ALA D 213 22.67 4.28 68.16
N ASN D 214 23.13 4.84 67.04
CA ASN D 214 24.24 5.77 67.11
C ASN D 214 23.84 7.16 67.61
N GLY D 215 22.54 7.43 67.77
CA GLY D 215 22.09 8.56 68.56
C GLY D 215 21.31 9.63 67.81
N SER D 216 21.42 9.72 66.50
CA SER D 216 20.78 10.82 65.78
C SER D 216 19.26 10.68 65.75
N MET D 217 18.59 11.78 65.42
CA MET D 217 17.14 11.82 65.35
C MET D 217 16.70 12.73 64.21
N GLY D 218 15.46 12.54 63.78
CA GLY D 218 14.96 13.21 62.60
C GLY D 218 14.56 12.22 61.52
N GLU D 219 15.00 12.46 60.27
CA GLU D 219 14.87 11.52 59.16
C GLU D 219 16.27 10.98 58.81
N PRO D 220 16.41 9.67 58.54
CA PRO D 220 17.75 9.09 58.37
C PRO D 220 18.42 9.47 57.05
N VAL D 221 19.75 9.64 57.11
CA VAL D 221 20.60 9.83 55.94
C VAL D 221 21.59 8.67 55.84
N ILE D 222 21.56 7.97 54.71
CA ILE D 222 22.33 6.74 54.51
C ILE D 222 23.10 6.82 53.19
N LYS D 223 24.15 5.99 53.10
CA LYS D 223 24.80 5.81 51.81
C LYS D 223 23.85 4.93 51.02
N CYS D 224 23.15 5.51 50.06
CA CYS D 224 22.10 4.78 49.39
C CYS D 224 22.59 3.68 48.46
N GLU D 225 22.19 2.45 48.75
CA GLU D 225 22.42 1.30 47.90
C GLU D 225 21.10 0.54 47.82
N PHE D 226 20.87 -0.14 46.69
CA PHE D 226 19.61 -0.84 46.45
C PHE D 226 19.31 -1.90 47.51
N GLU D 227 20.33 -2.57 48.05
CA GLU D 227 20.05 -3.53 49.10
C GLU D 227 19.74 -2.87 50.43
N LYS D 228 19.96 -1.56 50.56
CA LYS D 228 19.73 -0.86 51.82
C LYS D 228 18.33 -0.31 51.95
N VAL D 229 17.69 0.07 50.85
CA VAL D 229 16.36 0.65 50.90
C VAL D 229 15.25 -0.29 50.47
N ILE D 230 15.54 -1.30 49.66
CA ILE D 230 14.53 -2.24 49.18
C ILE D 230 14.76 -3.55 49.91
N SER D 231 13.74 -4.02 50.61
CA SER D 231 13.86 -5.27 51.33
C SER D 231 13.90 -6.44 50.35
N MET D 232 14.63 -7.49 50.74
CA MET D 232 14.80 -8.65 49.86
C MET D 232 13.63 -9.60 49.93
N GLU D 233 12.79 -9.50 50.95
CA GLU D 233 11.59 -10.34 50.91
C GLU D 233 10.60 -9.80 49.90
N TYR D 234 10.67 -8.50 49.56
CA TYR D 234 9.89 -8.01 48.44
C TYR D 234 10.41 -8.56 47.12
N MET D 235 11.72 -8.46 46.89
CA MET D 235 12.31 -8.85 45.60
C MET D 235 12.13 -10.34 45.31
N VAL D 236 12.34 -11.19 46.33
CA VAL D 236 12.23 -12.63 46.10
C VAL D 236 10.78 -13.08 46.04
N TYR D 237 9.92 -12.57 46.92
CA TYR D 237 8.59 -13.17 47.05
C TYR D 237 7.57 -12.49 46.16
N PHE D 238 7.76 -11.23 45.84
CA PHE D 238 6.81 -10.45 45.06
C PHE D 238 7.32 -10.08 43.68
N ASN D 239 8.58 -9.73 43.53
CA ASN D 239 9.04 -9.39 42.20
C ASN D 239 9.36 -10.63 41.40
N PHE D 240 10.12 -11.56 41.99
CA PHE D 240 10.53 -12.75 41.26
C PHE D 240 9.41 -13.78 41.16
N PHE D 241 8.87 -14.21 42.30
CA PHE D 241 7.97 -15.36 42.29
C PHE D 241 6.58 -15.06 41.74
N VAL D 242 6.18 -13.80 41.63
CA VAL D 242 4.88 -13.43 41.12
C VAL D 242 4.96 -12.72 39.78
N TRP D 243 5.95 -11.86 39.59
CA TRP D 243 5.96 -10.97 38.44
C TRP D 243 7.11 -11.15 37.49
N VAL D 244 8.04 -12.08 37.74
CA VAL D 244 9.08 -12.42 36.79
C VAL D 244 9.07 -13.90 36.45
N LEU D 245 8.91 -14.76 37.43
CA LEU D 245 8.90 -16.19 37.17
C LEU D 245 7.61 -16.67 36.47
N PRO D 246 6.39 -16.27 36.84
CA PRO D 246 5.23 -16.67 36.00
C PRO D 246 5.28 -16.11 34.59
N PRO D 247 5.72 -14.86 34.31
CA PRO D 247 5.92 -14.49 32.90
C PRO D 247 6.92 -15.35 32.13
N LEU D 248 8.00 -15.80 32.76
CA LEU D 248 8.93 -16.70 32.08
C LEU D 248 8.27 -18.04 31.77
N LEU D 249 7.56 -18.61 32.74
CA LEU D 249 6.90 -19.90 32.50
C LEU D 249 5.71 -19.79 31.56
N LEU D 250 5.01 -18.65 31.53
CA LEU D 250 3.95 -18.53 30.53
C LEU D 250 4.52 -18.42 29.13
N MET D 251 5.69 -17.82 28.97
CA MET D 251 6.33 -17.73 27.65
C MET D 251 6.71 -19.12 27.12
N VAL D 252 7.29 -19.97 27.96
CA VAL D 252 7.72 -21.27 27.45
C VAL D 252 6.52 -22.18 27.18
N LEU D 253 5.40 -21.98 27.86
CA LEU D 253 4.23 -22.79 27.57
C LEU D 253 3.55 -22.30 26.30
N ILE D 254 3.52 -20.99 26.10
CA ILE D 254 2.95 -20.42 24.88
C ILE D 254 3.78 -20.81 23.67
N TYR D 255 5.10 -20.72 23.77
CA TYR D 255 5.95 -21.00 22.61
C TYR D 255 6.08 -22.49 22.31
N LEU D 256 6.03 -23.36 23.31
CA LEU D 256 5.95 -24.79 23.01
C LEU D 256 4.66 -25.12 22.29
N GLU D 257 3.55 -24.52 22.72
CA GLU D 257 2.28 -24.74 22.03
C GLU D 257 2.30 -24.16 20.62
N VAL D 258 2.95 -23.02 20.43
CA VAL D 258 3.07 -22.41 19.09
C VAL D 258 3.84 -23.34 18.15
N PHE D 259 4.92 -23.95 18.64
CA PHE D 259 5.74 -24.81 17.80
C PHE D 259 4.99 -26.07 17.36
N TYR D 260 4.11 -26.62 18.20
CA TYR D 260 3.30 -27.76 17.77
C TYR D 260 2.37 -27.38 16.63
N LEU D 261 1.61 -26.29 16.80
CA LEU D 261 0.66 -25.86 15.78
C LEU D 261 1.34 -25.51 14.46
N ILE D 262 2.49 -24.83 14.52
CA ILE D 262 3.23 -24.54 13.30
C ILE D 262 3.75 -25.83 12.65
N ARG D 263 4.27 -26.76 13.45
CA ARG D 263 4.79 -28.02 12.92
C ARG D 263 3.68 -28.85 12.30
N LYS D 264 2.52 -28.88 12.96
CA LYS D 264 1.37 -29.64 12.48
C LYS D 264 0.89 -29.15 11.13
N GLN D 265 0.83 -27.83 10.95
CA GLN D 265 0.40 -27.25 9.68
C GLN D 265 1.37 -27.56 8.56
N LEU D 266 2.68 -27.46 8.84
CA LEU D 266 3.70 -27.69 7.81
C LEU D 266 3.67 -29.12 7.30
N ASN D 267 3.53 -30.09 8.21
CA ASN D 267 3.46 -31.50 7.81
C ASN D 267 2.20 -31.78 6.99
N LYS D 268 1.08 -31.21 7.39
CA LYS D 268 -0.21 -31.40 6.71
C LYS D 268 -0.19 -30.97 5.24
N LYS D 279 12.81 -29.41 2.23
CA LYS D 279 12.24 -28.10 1.90
C LYS D 279 11.31 -27.63 3.02
N TYR D 280 10.61 -28.57 3.66
CA TYR D 280 9.82 -28.25 4.84
C TYR D 280 10.56 -28.49 6.15
N TYR D 281 11.54 -29.39 6.15
CA TYR D 281 12.33 -29.61 7.36
C TYR D 281 13.23 -28.43 7.69
N GLY D 282 13.74 -27.75 6.66
CA GLY D 282 14.55 -26.56 6.90
C GLY D 282 13.80 -25.40 7.50
N LYS D 283 12.56 -25.18 7.06
CA LYS D 283 11.73 -24.12 7.64
C LYS D 283 11.31 -24.44 9.06
N GLU D 284 11.03 -25.70 9.34
CA GLU D 284 10.64 -26.09 10.70
C GLU D 284 11.80 -25.94 11.69
N LEU D 285 13.02 -26.28 11.27
CA LEU D 285 14.17 -26.09 12.14
C LEU D 285 14.51 -24.60 12.32
N LYS D 286 14.30 -23.78 11.28
CA LYS D 286 14.53 -22.35 11.41
C LYS D 286 13.52 -21.70 12.35
N ILE D 287 12.29 -22.18 12.35
CA ILE D 287 11.26 -21.68 13.27
C ILE D 287 11.61 -22.07 14.71
N ALA D 288 12.10 -23.29 14.91
CA ALA D 288 12.51 -23.75 16.24
C ALA D 288 13.72 -22.96 16.72
N LYS D 289 14.62 -22.59 15.80
CA LYS D 289 15.77 -21.78 16.18
C LYS D 289 15.34 -20.37 16.55
N SER D 290 14.32 -19.85 15.88
CA SER D 290 13.82 -18.52 16.24
C SER D 290 13.17 -18.53 17.62
N LEU D 291 12.41 -19.58 17.96
CA LEU D 291 11.72 -19.61 19.23
C LEU D 291 12.69 -19.84 20.38
N ALA D 292 13.67 -20.73 20.18
CA ALA D 292 14.66 -21.05 21.21
C ALA D 292 15.48 -19.83 21.60
N LEU D 293 16.03 -19.13 20.60
CA LEU D 293 16.81 -17.91 20.81
C LEU D 293 16.06 -16.88 21.64
N ILE D 294 14.77 -16.68 21.35
CA ILE D 294 13.93 -15.74 22.09
C ILE D 294 13.85 -16.12 23.57
N LEU D 295 13.50 -17.37 23.85
CA LEU D 295 13.35 -17.84 25.23
C LEU D 295 14.68 -17.82 25.98
N PHE D 296 15.77 -18.19 25.31
CA PHE D 296 17.06 -18.24 25.98
C PHE D 296 17.57 -16.85 26.38
N LEU D 297 17.38 -15.85 25.51
CA LEU D 297 17.85 -14.50 25.84
C LEU D 297 17.09 -13.89 27.00
N PHE D 298 15.78 -14.13 27.09
CA PHE D 298 15.03 -13.68 28.25
C PHE D 298 15.51 -14.41 29.50
N ALA D 299 15.66 -15.73 29.41
CA ALA D 299 16.08 -16.53 30.55
C ALA D 299 17.54 -16.33 30.90
N LEU D 300 18.35 -15.78 30.01
CA LEU D 300 19.72 -15.46 30.38
C LEU D 300 19.82 -14.11 31.05
N SER D 301 18.89 -13.21 30.76
CA SER D 301 18.95 -11.87 31.34
C SER D 301 18.46 -11.83 32.79
N TRP D 302 17.15 -12.00 32.97
CA TRP D 302 16.51 -11.82 34.27
C TRP D 302 16.88 -12.88 35.29
N LEU D 303 17.08 -14.13 34.88
CA LEU D 303 17.30 -15.20 35.85
C LEU D 303 18.54 -15.06 36.74
N PRO D 304 19.75 -14.72 36.25
CA PRO D 304 20.91 -14.66 37.17
C PRO D 304 20.78 -13.63 38.28
N LEU D 305 20.28 -12.44 37.97
CA LEU D 305 20.11 -11.41 39.00
C LEU D 305 19.11 -11.83 40.05
N HIS D 306 18.00 -12.42 39.62
CA HIS D 306 16.98 -12.88 40.56
C HIS D 306 17.47 -14.00 41.46
N ILE D 307 18.24 -14.94 40.92
CA ILE D 307 18.82 -16.01 41.73
C ILE D 307 19.78 -15.45 42.78
N LEU D 308 20.58 -14.44 42.41
CA LEU D 308 21.48 -13.81 43.36
C LEU D 308 20.73 -13.16 44.52
N ASN D 309 19.58 -12.53 44.23
CA ASN D 309 18.73 -12.02 45.30
C ASN D 309 18.20 -13.14 46.17
N CYS D 310 17.86 -14.27 45.56
CA CYS D 310 17.31 -15.41 46.28
C CYS D 310 18.31 -15.95 47.30
N ILE D 311 19.52 -16.30 46.83
CA ILE D 311 20.57 -16.84 47.68
C ILE D 311 21.14 -15.80 48.65
N THR D 312 20.69 -14.55 48.56
CA THR D 312 20.99 -13.56 49.58
C THR D 312 19.92 -13.53 50.66
N LEU D 313 18.71 -13.97 50.34
CA LEU D 313 17.64 -14.05 51.33
C LEU D 313 17.65 -15.39 52.06
N PHE D 314 17.56 -16.49 51.31
CA PHE D 314 17.42 -17.80 51.96
C PHE D 314 18.71 -18.29 52.59
N CYS D 315 19.86 -18.00 51.97
CA CYS D 315 21.15 -18.29 52.58
C CYS D 315 21.83 -16.98 52.96
N PRO D 316 21.59 -16.45 54.16
CA PRO D 316 22.18 -15.16 54.54
C PRO D 316 23.69 -15.18 54.64
N SER D 317 24.28 -16.29 55.05
CA SER D 317 25.72 -16.36 55.25
C SER D 317 26.46 -16.82 54.01
N CYS D 318 25.76 -17.13 52.92
CA CYS D 318 26.39 -17.57 51.68
C CYS D 318 27.14 -16.40 51.06
N HIS D 319 28.46 -16.43 51.14
CA HIS D 319 29.27 -15.34 50.61
C HIS D 319 29.41 -15.51 49.11
N LYS D 320 29.17 -14.43 48.38
CA LYS D 320 29.35 -14.42 46.94
C LYS D 320 30.15 -13.19 46.58
N PRO D 321 30.97 -13.26 45.53
CA PRO D 321 31.80 -12.10 45.17
C PRO D 321 30.98 -10.90 44.72
N SER D 322 31.64 -9.75 44.72
CA SER D 322 30.97 -8.49 44.44
C SER D 322 30.72 -8.29 42.96
N ILE D 323 31.73 -8.57 42.12
CA ILE D 323 31.58 -8.42 40.68
C ILE D 323 30.56 -9.38 40.09
N LEU D 324 30.30 -10.53 40.74
CA LEU D 324 29.18 -11.38 40.34
C LEU D 324 27.85 -10.64 40.40
N THR D 325 27.61 -9.92 41.50
CA THR D 325 26.37 -9.15 41.63
C THR D 325 26.29 -8.07 40.56
N TYR D 326 27.40 -7.37 40.31
CA TYR D 326 27.45 -6.36 39.24
C TYR D 326 27.13 -6.96 37.88
N ILE D 327 27.77 -8.10 37.55
CA ILE D 327 27.67 -8.70 36.22
C ILE D 327 26.24 -9.16 35.93
N ALA D 328 25.53 -9.61 36.97
CA ALA D 328 24.13 -9.95 36.85
C ALA D 328 23.29 -8.76 36.44
N ILE D 329 23.55 -7.60 37.04
CA ILE D 329 22.73 -6.40 36.81
C ILE D 329 22.82 -5.95 35.35
N PHE D 330 24.02 -5.90 34.77
CA PHE D 330 24.12 -5.44 33.38
C PHE D 330 23.45 -6.39 32.41
N LEU D 331 23.45 -7.70 32.71
CA LEU D 331 22.73 -8.66 31.86
C LEU D 331 21.24 -8.34 31.84
N THR D 332 20.69 -7.97 32.98
CA THR D 332 19.29 -7.55 33.06
C THR D 332 19.02 -6.34 32.20
N HIS D 333 19.90 -5.34 32.27
CA HIS D 333 19.82 -4.18 31.39
C HIS D 333 20.08 -4.55 29.94
N GLY D 334 20.94 -5.53 29.71
CA GLY D 334 21.32 -5.92 28.36
C GLY D 334 20.17 -6.40 27.51
N ASN D 335 19.11 -6.92 28.14
CA ASN D 335 17.95 -7.43 27.42
C ASN D 335 17.30 -6.33 26.60
N SER D 336 17.23 -5.12 27.14
CA SER D 336 16.69 -3.96 26.42
C SER D 336 17.49 -3.58 25.18
N ALA D 337 18.71 -4.08 25.02
CA ALA D 337 19.49 -3.85 23.82
C ALA D 337 19.22 -4.90 22.75
N MET D 338 19.01 -6.14 23.16
CA MET D 338 18.80 -7.25 22.24
C MET D 338 17.37 -7.34 21.73
N ASN D 339 16.43 -6.67 22.40
CA ASN D 339 15.02 -6.70 21.99
C ASN D 339 14.76 -6.27 20.54
N PRO D 340 15.28 -5.13 20.03
CA PRO D 340 14.95 -4.80 18.63
C PRO D 340 15.59 -5.73 17.62
N ILE D 341 16.78 -6.23 17.90
CA ILE D 341 17.47 -7.16 17.01
C ILE D 341 16.67 -8.45 16.83
N VAL D 342 16.09 -8.96 17.90
CA VAL D 342 15.45 -10.26 17.87
C VAL D 342 13.98 -10.18 17.46
N TYR D 343 13.28 -9.11 17.82
CA TYR D 343 11.84 -9.05 17.63
C TYR D 343 11.43 -8.29 16.38
N ALA D 344 11.88 -7.05 16.23
CA ALA D 344 11.44 -6.23 15.12
C ALA D 344 12.27 -6.42 13.86
N PHE D 345 13.57 -6.68 14.00
CA PHE D 345 14.46 -6.85 12.85
C PHE D 345 14.21 -8.15 12.10
N ARG D 346 13.43 -9.06 12.66
CA ARG D 346 13.08 -10.30 11.96
C ARG D 346 11.90 -10.15 11.04
N ILE D 347 10.98 -9.22 11.33
CA ILE D 347 9.83 -8.99 10.47
C ILE D 347 10.30 -8.39 9.15
N GLN D 348 9.75 -8.90 8.05
CA GLN D 348 10.19 -8.44 6.74
C GLN D 348 9.70 -7.04 6.44
N LYS D 349 8.43 -6.75 6.74
CA LYS D 349 7.89 -5.41 6.50
C LYS D 349 8.62 -4.35 7.30
N PHE D 350 8.97 -4.65 8.55
CA PHE D 350 9.74 -3.71 9.36
C PHE D 350 11.15 -3.52 8.83
N ARG D 351 11.82 -4.60 8.44
CA ARG D 351 13.21 -4.51 8.00
C ARG D 351 13.36 -3.66 6.73
N VAL D 352 12.42 -3.78 5.80
CA VAL D 352 12.60 -3.10 4.51
C VAL D 352 12.41 -1.59 4.62
N THR D 353 11.58 -1.12 5.55
CA THR D 353 11.45 0.33 5.70
C THR D 353 12.64 0.92 6.44
N PHE D 354 13.44 0.09 7.12
CA PHE D 354 14.69 0.56 7.70
C PHE D 354 15.79 0.61 6.64
N LEU D 355 15.90 -0.45 5.82
CA LEU D 355 16.87 -0.46 4.73
C LEU D 355 16.56 0.60 3.69
N LYS D 356 15.29 0.92 3.48
CA LYS D 356 14.89 1.94 2.52
C LYS D 356 14.37 3.16 3.28
#